data_6LHF
#
_entry.id   6LHF
#
_cell.length_a   51.340
_cell.length_b   66.735
_cell.length_c   103.949
_cell.angle_alpha   84.595
_cell.angle_beta   82.041
_cell.angle_gamma   67.506
#
_symmetry.space_group_name_H-M   'P 1'
#
loop_
_entity.id
_entity.type
_entity.pdbx_description
1 polymer 'MHC class I'
2 polymer Beta-2-microglobulin
3 polymer 'RY0808 peptide'
4 polymer 'CD8 alpha chain'
5 water water
#
loop_
_entity_poly.entity_id
_entity_poly.type
_entity_poly.pdbx_seq_one_letter_code
_entity_poly.pdbx_strand_id
1 'polypeptide(L)'
;ELHTLRYISTAMTDPGPGQPWYVDVGYVDGELFTHYNSTARRAVPRTEWIAANTDQQYWDSETQTSQRTEQIDRDGLGTL
QRRYNQTGGSHTVQLMYGCDILEDGTIRGYSQDAYDGRDFIAFDKDTMTFTAAVPEAVPTKRKWEEGDYAEGLKQYLEET
CVEWLRRYVEYGKAELGRRERPEVRVWGKEADGILTLSCRAHGFYPRPIAVSWLKDGAVQGQDAQSGGIVPNGDGTYHTW
VTIDAQPGDGDKYQCRVEHASLPQPGLYSW
;
A,D
2 'polypeptide(L)'
;LTPKVQVYSRFPASAGTKNVLNCFAAGFHPPKISITLMKDGVPMEGAQYSDMSFNDDWTFQRLVHADFTPSSGSTYACKV
EHETLKEPQVYKWDPE
;
B,E
3 'polypeptide(L)' RRREQTDY C,F
4 'polypeptide(L)'
;TMEARFLNRNMKHPQEGQPLELECMPFNIDNGVSWIRQDKDGKLHFIVYISPLSRTAFPRNERTSSQFEGSKQGSSFRLV
VKNFRAQDQGTYFCIANINQMLYFSSGQPAFF
;
G,H,I,J
#
# COMPACT_ATOMS: atom_id res chain seq x y z
N GLU A 1 -15.87 -9.88 -19.93
CA GLU A 1 -16.57 -9.97 -21.22
C GLU A 1 -15.92 -9.07 -22.27
N LEU A 2 -15.78 -7.79 -21.95
CA LEU A 2 -15.19 -6.85 -22.90
C LEU A 2 -13.68 -6.98 -22.90
N HIS A 3 -13.10 -7.03 -24.11
CA HIS A 3 -11.64 -7.05 -24.26
C HIS A 3 -11.25 -6.10 -25.38
N THR A 4 -10.14 -5.40 -25.19
CA THR A 4 -9.69 -4.42 -26.17
C THR A 4 -8.20 -4.59 -26.46
N LEU A 5 -7.84 -4.41 -27.73
CA LEU A 5 -6.46 -4.30 -28.15
C LEU A 5 -6.33 -2.98 -28.89
N ARG A 6 -5.41 -2.13 -28.46
CA ARG A 6 -5.28 -0.82 -29.09
C ARG A 6 -3.82 -0.44 -29.20
N TYR A 7 -3.42 0.01 -30.37
CA TYR A 7 -2.11 0.59 -30.59
C TYR A 7 -2.27 2.06 -30.94
N ILE A 8 -1.49 2.92 -30.29
CA ILE A 8 -1.47 4.34 -30.61
C ILE A 8 -0.02 4.74 -30.85
N SER A 9 0.16 5.83 -31.60
CA SER A 9 1.49 6.28 -31.97
C SER A 9 1.47 7.78 -32.18
N THR A 10 2.57 8.44 -31.82
CA THR A 10 2.71 9.88 -31.94
C THR A 10 4.10 10.21 -32.47
N ALA A 11 4.15 11.00 -33.53
CA ALA A 11 5.37 11.64 -34.00
C ALA A 11 5.19 13.14 -33.85
N MET A 12 6.24 13.82 -33.39
CA MET A 12 6.13 15.26 -33.10
C MET A 12 7.42 15.97 -33.50
N THR A 13 7.25 17.18 -34.06
CA THR A 13 8.41 18.02 -34.35
C THR A 13 9.00 18.61 -33.08
N ASP A 14 8.19 18.76 -32.04
CA ASP A 14 8.60 19.37 -30.77
C ASP A 14 8.19 18.45 -29.63
N PRO A 15 8.96 17.39 -29.37
CA PRO A 15 8.57 16.45 -28.31
C PRO A 15 8.67 17.02 -26.90
N GLY A 16 9.49 18.03 -26.65
CA GLY A 16 9.53 18.65 -25.35
C GLY A 16 10.68 18.19 -24.46
N PRO A 17 10.84 18.86 -23.32
CA PRO A 17 11.88 18.46 -22.36
C PRO A 17 11.81 16.99 -21.95
N GLY A 18 12.90 16.28 -22.26
CA GLY A 18 13.09 14.89 -21.87
C GLY A 18 12.46 13.86 -22.79
N GLN A 19 11.98 14.26 -23.97
CA GLN A 19 11.09 13.36 -24.69
C GLN A 19 11.64 12.94 -26.04
N PRO A 20 11.43 11.68 -26.42
CA PRO A 20 11.67 11.25 -27.80
C PRO A 20 10.57 11.71 -28.74
N TRP A 21 10.95 11.91 -30.01
CA TRP A 21 10.01 12.49 -30.97
C TRP A 21 8.98 11.49 -31.48
N TYR A 22 9.31 10.20 -31.51
CA TYR A 22 8.38 9.16 -31.95
C TYR A 22 8.14 8.18 -30.81
N VAL A 23 6.88 7.94 -30.48
CA VAL A 23 6.51 7.00 -29.42
C VAL A 23 5.25 6.27 -29.82
N ASP A 24 5.29 4.95 -29.83
CA ASP A 24 4.07 4.15 -30.01
C ASP A 24 3.94 3.15 -28.87
N VAL A 25 2.70 2.96 -28.40
CA VAL A 25 2.41 2.11 -27.26
C VAL A 25 1.17 1.27 -27.52
N GLY A 26 1.11 0.11 -26.89
CA GLY A 26 -0.03 -0.78 -27.00
C GLY A 26 -0.69 -1.06 -25.66
N TYR A 27 -2.00 -1.26 -25.69
CA TYR A 27 -2.81 -1.52 -24.52
C TYR A 27 -3.69 -2.73 -24.77
N VAL A 28 -3.80 -3.58 -23.75
CA VAL A 28 -4.75 -4.68 -23.70
C VAL A 28 -5.64 -4.46 -22.48
N ASP A 29 -6.95 -4.36 -22.71
CA ASP A 29 -7.92 -4.09 -21.65
C ASP A 29 -7.51 -2.85 -20.83
N GLY A 30 -7.06 -1.81 -21.53
CA GLY A 30 -6.64 -0.59 -20.89
C GLY A 30 -5.26 -0.60 -20.29
N GLU A 31 -4.59 -1.75 -20.31
CA GLU A 31 -3.30 -1.93 -19.64
C GLU A 31 -2.17 -1.78 -20.65
N LEU A 32 -1.26 -0.85 -20.39
CA LEU A 32 -0.08 -0.66 -21.23
C LEU A 32 0.79 -1.90 -21.15
N PHE A 33 1.00 -2.55 -22.31
CA PHE A 33 1.73 -3.81 -22.31
C PHE A 33 2.93 -3.83 -23.22
N THR A 34 3.07 -2.88 -24.15
CA THR A 34 4.26 -2.80 -24.97
C THR A 34 4.55 -1.34 -25.30
N HIS A 35 5.82 -1.05 -25.60
CA HIS A 35 6.27 0.31 -25.77
C HIS A 35 7.47 0.36 -26.70
N TYR A 36 7.50 1.38 -27.55
CA TYR A 36 8.62 1.66 -28.44
C TYR A 36 8.81 3.17 -28.53
N ASN A 37 10.05 3.60 -28.68
CA ASN A 37 10.30 5.02 -28.89
C ASN A 37 11.54 5.20 -29.76
N SER A 38 11.67 6.41 -30.29
CA SER A 38 12.71 6.73 -31.25
C SER A 38 14.10 6.79 -30.63
N THR A 39 14.21 6.76 -29.31
CA THR A 39 15.52 6.77 -28.69
C THR A 39 16.01 5.36 -28.38
N ALA A 40 15.15 4.54 -27.76
CA ALA A 40 15.57 3.17 -27.48
C ALA A 40 15.67 2.34 -28.75
N ARG A 41 14.76 2.56 -29.69
CA ARG A 41 14.81 1.99 -31.04
C ARG A 41 14.38 0.52 -31.03
N ARG A 42 13.84 0.03 -29.91
CA ARG A 42 13.58 -1.37 -29.67
C ARG A 42 12.22 -1.48 -28.99
N ALA A 43 11.36 -2.37 -29.51
CA ALA A 43 10.08 -2.66 -28.89
C ALA A 43 10.27 -3.56 -27.68
N VAL A 44 9.78 -3.13 -26.53
CA VAL A 44 10.08 -3.77 -25.25
C VAL A 44 8.79 -4.16 -24.53
N PRO A 45 8.81 -5.23 -23.75
CA PRO A 45 7.64 -5.57 -22.93
C PRO A 45 7.48 -4.60 -21.77
N ARG A 46 6.23 -4.49 -21.29
CA ARG A 46 5.91 -3.60 -20.19
C ARG A 46 5.08 -4.25 -19.08
N THR A 47 4.66 -5.50 -19.24
CA THR A 47 4.05 -6.27 -18.16
C THR A 47 4.79 -7.60 -18.04
N GLU A 48 4.48 -8.34 -16.97
CA GLU A 48 5.13 -9.61 -16.70
C GLU A 48 4.42 -10.80 -17.33
N TRP A 49 3.19 -10.64 -17.81
CA TRP A 49 2.54 -11.74 -18.52
C TRP A 49 2.81 -11.72 -20.02
N ILE A 50 3.18 -10.56 -20.56
CA ILE A 50 3.58 -10.52 -21.96
C ILE A 50 5.03 -10.93 -22.13
N ALA A 51 5.87 -10.59 -21.15
CA ALA A 51 7.27 -11.02 -21.21
C ALA A 51 7.39 -12.52 -21.04
N ALA A 52 6.64 -13.08 -20.08
CA ALA A 52 6.67 -14.51 -19.81
C ALA A 52 6.11 -15.35 -20.95
N ASN A 53 5.42 -14.74 -21.92
CA ASN A 53 4.82 -15.49 -23.02
C ASN A 53 5.31 -15.01 -24.39
N THR A 54 6.48 -14.37 -24.47
CA THR A 54 7.00 -13.90 -25.74
C THR A 54 8.49 -14.21 -25.85
N ASP A 55 8.89 -14.64 -27.05
CA ASP A 55 10.26 -15.01 -27.36
C ASP A 55 11.07 -13.75 -27.66
N GLN A 56 12.27 -13.89 -28.20
CA GLN A 56 12.91 -12.72 -28.79
C GLN A 56 12.47 -12.47 -30.22
N GLN A 57 12.08 -13.50 -30.97
CA GLN A 57 11.73 -13.23 -32.37
C GLN A 57 10.48 -12.37 -32.44
N TYR A 58 9.56 -12.55 -31.51
CA TYR A 58 8.42 -11.65 -31.36
C TYR A 58 8.88 -10.20 -31.19
N TRP A 59 9.82 -9.97 -30.28
CA TRP A 59 10.23 -8.60 -29.97
C TRP A 59 11.07 -7.99 -31.08
N ASP A 60 11.90 -8.79 -31.74
CA ASP A 60 12.67 -8.28 -32.88
C ASP A 60 11.75 -7.93 -34.04
N SER A 61 10.71 -8.72 -34.27
CA SER A 61 9.77 -8.42 -35.34
C SER A 61 8.95 -7.17 -35.00
N GLU A 62 8.50 -7.05 -33.75
CA GLU A 62 7.81 -5.84 -33.32
C GLU A 62 8.72 -4.62 -33.45
N THR A 63 10.02 -4.79 -33.18
CA THR A 63 10.95 -3.68 -33.31
C THR A 63 11.13 -3.28 -34.77
N GLN A 64 11.22 -4.26 -35.67
CA GLN A 64 11.33 -3.95 -37.08
C GLN A 64 10.09 -3.23 -37.58
N THR A 65 8.90 -3.70 -37.18
CA THR A 65 7.67 -2.99 -37.52
C THR A 65 7.70 -1.56 -37.00
N SER A 66 8.14 -1.38 -35.75
CA SER A 66 8.15 -0.05 -35.15
C SER A 66 9.16 0.87 -35.83
N GLN A 67 10.29 0.34 -36.30
CA GLN A 67 11.24 1.17 -37.02
C GLN A 67 10.71 1.56 -38.39
N ARG A 68 10.05 0.62 -39.06
CA ARG A 68 9.42 0.95 -40.34
C ARG A 68 8.40 2.06 -40.17
N THR A 69 7.56 1.97 -39.13
CA THR A 69 6.56 3.00 -38.90
C THR A 69 7.16 4.30 -38.39
N GLU A 70 8.30 4.22 -37.68
CA GLU A 70 8.96 5.43 -37.22
C GLU A 70 9.42 6.27 -38.41
N GLN A 71 10.03 5.64 -39.42
CA GLN A 71 10.39 6.50 -40.54
C GLN A 71 9.22 6.77 -41.48
N ILE A 72 8.19 5.92 -41.48
CA ILE A 72 6.98 6.29 -42.20
C ILE A 72 6.43 7.60 -41.69
N ASP A 73 6.39 7.76 -40.36
CA ASP A 73 5.85 9.00 -39.79
C ASP A 73 6.87 10.13 -39.79
N ARG A 74 8.17 9.81 -39.77
CA ARG A 74 9.18 10.82 -40.04
C ARG A 74 8.98 11.47 -41.40
N ASP A 75 8.76 10.66 -42.43
CA ASP A 75 8.42 11.19 -43.75
C ASP A 75 7.08 11.93 -43.71
N GLY A 76 6.10 11.36 -43.02
CA GLY A 76 4.77 11.94 -43.02
C GLY A 76 4.72 13.33 -42.40
N LEU A 77 5.55 13.56 -41.38
CA LEU A 77 5.58 14.89 -40.77
C LEU A 77 6.00 15.95 -41.78
N GLY A 78 7.10 15.72 -42.52
CA GLY A 78 7.50 16.67 -43.53
C GLY A 78 6.48 16.80 -44.65
N THR A 79 5.93 15.66 -45.09
CA THR A 79 4.93 15.65 -46.15
C THR A 79 3.75 16.54 -45.79
N LEU A 80 3.21 16.39 -44.58
CA LEU A 80 2.08 17.19 -44.16
C LEU A 80 2.49 18.63 -43.85
N GLN A 81 3.71 18.84 -43.35
CA GLN A 81 4.16 20.18 -43.03
C GLN A 81 4.11 21.09 -44.24
N ARG A 82 4.63 20.63 -45.39
CA ARG A 82 4.47 21.55 -46.52
C ARG A 82 3.26 21.22 -47.41
N ARG A 83 2.54 20.14 -47.14
CA ARG A 83 1.22 20.03 -47.74
C ARG A 83 0.32 21.15 -47.24
N TYR A 84 0.52 21.57 -45.99
CA TYR A 84 -0.17 22.71 -45.40
C TYR A 84 0.56 24.02 -45.62
N ASN A 85 1.62 24.02 -46.42
CA ASN A 85 2.47 25.20 -46.65
C ASN A 85 2.90 25.82 -45.31
N GLN A 86 3.57 25.00 -44.50
CA GLN A 86 4.07 25.44 -43.21
C GLN A 86 5.58 25.38 -43.20
N THR A 87 6.20 26.39 -42.59
CA THR A 87 7.65 26.51 -42.58
C THR A 87 8.18 26.29 -41.17
N GLY A 88 7.95 25.11 -40.63
CA GLY A 88 8.48 24.71 -39.34
C GLY A 88 7.47 24.86 -38.23
N GLY A 89 7.97 24.76 -37.00
CA GLY A 89 7.12 24.98 -35.83
C GLY A 89 6.72 23.69 -35.13
N SER A 90 5.59 23.73 -34.43
CA SER A 90 5.09 22.60 -33.64
C SER A 90 4.01 21.86 -34.41
N HIS A 91 4.27 20.61 -34.77
CA HIS A 91 3.30 19.80 -35.50
C HIS A 91 3.35 18.36 -35.01
N THR A 92 2.21 17.69 -35.10
CA THR A 92 2.07 16.36 -34.53
C THR A 92 1.25 15.46 -35.45
N VAL A 93 1.76 14.25 -35.67
CA VAL A 93 1.03 13.17 -36.32
C VAL A 93 0.66 12.16 -35.25
N GLN A 94 -0.64 11.81 -35.18
CA GLN A 94 -1.09 10.78 -34.25
C GLN A 94 -1.86 9.71 -35.01
N LEU A 95 -1.76 8.48 -34.51
CA LEU A 95 -2.49 7.36 -35.09
C LEU A 95 -3.01 6.49 -33.95
N MET A 96 -4.21 5.95 -34.11
CA MET A 96 -4.69 4.95 -33.17
C MET A 96 -5.55 3.94 -33.93
N TYR A 97 -5.34 2.66 -33.62
CA TYR A 97 -6.07 1.59 -34.27
C TYR A 97 -6.20 0.43 -33.30
N GLY A 98 -7.09 -0.50 -33.63
CA GLY A 98 -7.21 -1.70 -32.83
C GLY A 98 -8.56 -2.35 -33.02
N CYS A 99 -8.89 -3.22 -32.06
CA CYS A 99 -10.11 -4.00 -32.13
C CYS A 99 -10.69 -4.20 -30.74
N ASP A 100 -12.00 -4.42 -30.68
CA ASP A 100 -12.73 -4.66 -29.45
C ASP A 100 -13.62 -5.88 -29.60
N ILE A 101 -13.59 -6.77 -28.60
CA ILE A 101 -14.57 -7.84 -28.45
C ILE A 101 -15.53 -7.41 -27.35
N LEU A 102 -16.77 -7.11 -27.73
CA LEU A 102 -17.70 -6.42 -26.84
C LEU A 102 -18.46 -7.42 -25.97
N GLU A 103 -19.30 -6.87 -25.09
CA GLU A 103 -19.99 -7.68 -24.10
C GLU A 103 -21.11 -8.51 -24.70
N ASP A 104 -21.60 -8.15 -25.89
CA ASP A 104 -22.54 -8.99 -26.62
C ASP A 104 -21.84 -10.03 -27.49
N GLY A 105 -20.50 -10.04 -27.50
CA GLY A 105 -19.74 -11.04 -28.21
C GLY A 105 -19.38 -10.71 -29.65
N THR A 106 -19.81 -9.56 -30.17
CA THR A 106 -19.42 -9.20 -31.52
C THR A 106 -18.13 -8.38 -31.50
N ILE A 107 -17.50 -8.28 -32.66
CA ILE A 107 -16.20 -7.64 -32.78
C ILE A 107 -16.33 -6.36 -33.59
N ARG A 108 -15.47 -5.40 -33.26
CA ARG A 108 -15.36 -4.16 -34.00
C ARG A 108 -13.89 -3.83 -34.17
N GLY A 109 -13.55 -3.18 -35.27
CA GLY A 109 -12.19 -2.76 -35.54
C GLY A 109 -12.17 -1.34 -36.04
N TYR A 110 -11.04 -0.66 -35.82
CA TYR A 110 -10.96 0.75 -36.15
C TYR A 110 -9.51 1.14 -36.43
N SER A 111 -9.36 2.21 -37.20
CA SER A 111 -8.07 2.84 -37.49
C SER A 111 -8.32 4.28 -37.92
N GLN A 112 -7.57 5.21 -37.32
CA GLN A 112 -7.76 6.61 -37.64
C GLN A 112 -6.50 7.41 -37.30
N ASP A 113 -6.30 8.51 -38.02
CA ASP A 113 -5.11 9.33 -37.91
C ASP A 113 -5.50 10.80 -37.83
N ALA A 114 -4.71 11.54 -37.07
CA ALA A 114 -4.93 12.96 -36.81
C ALA A 114 -3.67 13.75 -37.10
N TYR A 115 -3.86 14.95 -37.66
CA TYR A 115 -2.78 15.91 -37.85
C TYR A 115 -3.05 17.13 -36.98
N ASP A 116 -2.04 17.52 -36.20
CA ASP A 116 -2.13 18.71 -35.36
C ASP A 116 -3.33 18.65 -34.42
N GLY A 117 -3.63 17.45 -33.93
CA GLY A 117 -4.67 17.23 -32.94
C GLY A 117 -6.08 17.23 -33.46
N ARG A 118 -6.29 17.17 -34.76
CA ARG A 118 -7.63 17.13 -35.34
C ARG A 118 -7.75 15.98 -36.31
N ASP A 119 -8.97 15.48 -36.48
CA ASP A 119 -9.22 14.33 -37.34
C ASP A 119 -8.65 14.57 -38.72
N PHE A 120 -7.78 13.66 -39.17
CA PHE A 120 -7.23 13.75 -40.51
C PHE A 120 -7.86 12.73 -41.46
N ILE A 121 -7.84 11.45 -41.11
CA ILE A 121 -8.40 10.43 -42.01
C ILE A 121 -8.79 9.21 -41.18
N ALA A 122 -9.93 8.62 -41.52
CA ALA A 122 -10.40 7.45 -40.80
C ALA A 122 -10.66 6.31 -41.78
N PHE A 123 -10.67 5.08 -41.25
CA PHE A 123 -10.92 3.88 -42.05
C PHE A 123 -12.38 3.45 -41.92
N ASP A 124 -13.11 3.44 -43.03
CA ASP A 124 -14.42 2.78 -43.11
C ASP A 124 -14.18 1.36 -43.62
N LYS A 125 -13.90 0.47 -42.66
CA LYS A 125 -13.74 -0.96 -42.92
C LYS A 125 -14.81 -1.53 -43.84
N ASP A 126 -16.09 -1.24 -43.55
CA ASP A 126 -17.19 -1.85 -44.28
C ASP A 126 -17.12 -1.55 -45.77
N THR A 127 -17.00 -0.27 -46.13
CA THR A 127 -16.81 0.12 -47.52
C THR A 127 -15.41 -0.20 -48.06
N MET A 128 -14.50 -0.66 -47.19
CA MET A 128 -13.07 -0.72 -47.49
C MET A 128 -12.60 0.60 -48.12
N THR A 129 -12.95 1.71 -47.46
CA THR A 129 -12.55 3.03 -47.97
C THR A 129 -11.94 3.86 -46.84
N PHE A 130 -11.38 5.00 -47.24
CA PHE A 130 -10.74 5.92 -46.30
C PHE A 130 -11.48 7.24 -46.38
N THR A 131 -12.19 7.57 -45.30
CA THR A 131 -12.96 8.81 -45.24
C THR A 131 -12.03 9.94 -44.84
N ALA A 132 -11.93 10.97 -45.69
CA ALA A 132 -11.11 12.13 -45.42
C ALA A 132 -11.89 13.13 -44.58
N ALA A 133 -11.27 13.63 -43.53
CA ALA A 133 -11.89 14.64 -42.68
C ALA A 133 -11.57 16.05 -43.12
N VAL A 134 -10.46 16.24 -43.83
CA VAL A 134 -10.02 17.55 -44.30
C VAL A 134 -9.67 17.42 -45.77
N PRO A 135 -9.70 18.53 -46.52
CA PRO A 135 -9.25 18.46 -47.93
C PRO A 135 -7.86 17.87 -48.07
N GLU A 136 -6.94 18.22 -47.17
CA GLU A 136 -5.57 17.74 -47.25
C GLU A 136 -5.45 16.23 -47.08
N ALA A 137 -6.53 15.56 -46.68
CA ALA A 137 -6.55 14.11 -46.57
C ALA A 137 -7.12 13.42 -47.80
N VAL A 138 -7.76 14.12 -48.72
CA VAL A 138 -8.18 13.57 -50.01
C VAL A 138 -6.91 12.97 -50.72
N PRO A 139 -5.75 13.67 -50.70
CA PRO A 139 -4.54 13.05 -51.27
C PRO A 139 -4.19 11.71 -50.62
N THR A 140 -4.00 11.69 -49.30
CA THR A 140 -3.57 10.46 -48.63
C THR A 140 -4.55 9.32 -48.90
N LYS A 141 -5.86 9.62 -48.88
CA LYS A 141 -6.87 8.62 -49.19
C LYS A 141 -6.54 7.89 -50.50
N ARG A 142 -6.28 8.65 -51.57
CA ARG A 142 -5.90 8.01 -52.83
C ARG A 142 -4.71 7.10 -52.65
N LYS A 143 -3.63 7.61 -52.04
CA LYS A 143 -2.46 6.79 -51.83
C LYS A 143 -2.78 5.54 -51.03
N TRP A 144 -3.76 5.63 -50.13
CA TRP A 144 -4.12 4.49 -49.29
C TRP A 144 -5.16 3.60 -49.95
N GLU A 145 -5.79 4.04 -51.03
CA GLU A 145 -6.79 3.25 -51.72
C GLU A 145 -6.24 2.61 -52.99
N GLU A 146 -4.92 2.59 -53.16
CA GLU A 146 -4.29 1.98 -54.32
C GLU A 146 -3.60 0.71 -53.87
N GLY A 147 -3.66 -0.30 -54.73
CA GLY A 147 -3.20 -1.62 -54.32
C GLY A 147 -4.28 -2.23 -53.44
N ASP A 148 -3.85 -3.13 -52.56
CA ASP A 148 -4.74 -3.85 -51.68
C ASP A 148 -4.52 -3.52 -50.20
N TYR A 149 -3.84 -2.40 -49.90
CA TYR A 149 -3.52 -2.05 -48.52
C TYR A 149 -4.77 -1.96 -47.67
N ALA A 150 -5.87 -1.45 -48.24
CA ALA A 150 -7.11 -1.34 -47.48
C ALA A 150 -7.65 -2.72 -47.10
N GLU A 151 -7.59 -3.68 -48.02
CA GLU A 151 -8.06 -5.02 -47.70
C GLU A 151 -7.16 -5.70 -46.68
N GLY A 152 -5.85 -5.44 -46.76
CA GLY A 152 -4.95 -5.94 -45.72
C GLY A 152 -5.27 -5.37 -44.36
N LEU A 153 -5.62 -4.09 -44.32
CA LEU A 153 -5.98 -3.46 -43.06
C LEU A 153 -7.28 -4.04 -42.50
N LYS A 154 -8.30 -4.20 -43.36
CA LYS A 154 -9.51 -4.92 -42.95
C LYS A 154 -9.18 -6.27 -42.34
N GLN A 155 -8.38 -7.07 -43.06
CA GLN A 155 -8.08 -8.43 -42.59
C GLN A 155 -7.31 -8.40 -41.28
N TYR A 156 -6.45 -7.39 -41.09
CA TYR A 156 -5.75 -7.25 -39.81
C TYR A 156 -6.74 -6.92 -38.69
N LEU A 157 -7.58 -5.90 -38.90
CA LEU A 157 -8.49 -5.44 -37.86
C LEU A 157 -9.62 -6.41 -37.58
N GLU A 158 -9.86 -7.37 -38.47
CA GLU A 158 -10.92 -8.35 -38.23
C GLU A 158 -10.40 -9.71 -37.81
N GLU A 159 -9.19 -10.09 -38.21
CA GLU A 159 -8.66 -11.41 -37.89
C GLU A 159 -7.39 -11.34 -37.06
N THR A 160 -6.31 -10.77 -37.58
CA THR A 160 -5.04 -10.75 -36.84
C THR A 160 -5.21 -10.09 -35.48
N CYS A 161 -5.82 -8.90 -35.47
CA CYS A 161 -6.00 -8.14 -34.24
C CYS A 161 -6.78 -8.93 -33.20
N VAL A 162 -7.87 -9.58 -33.62
CA VAL A 162 -8.77 -10.21 -32.66
C VAL A 162 -8.16 -11.47 -32.08
N GLU A 163 -7.46 -12.26 -32.90
CA GLU A 163 -6.87 -13.46 -32.32
C GLU A 163 -5.65 -13.14 -31.47
N TRP A 164 -4.87 -12.11 -31.85
CA TRP A 164 -3.77 -11.72 -30.97
C TRP A 164 -4.32 -11.15 -29.65
N LEU A 165 -5.46 -10.45 -29.70
CA LEU A 165 -6.11 -10.00 -28.48
C LEU A 165 -6.52 -11.20 -27.62
N ARG A 166 -7.15 -12.20 -28.24
CA ARG A 166 -7.56 -13.40 -27.51
C ARG A 166 -6.35 -14.05 -26.81
N ARG A 167 -5.25 -14.16 -27.54
CA ARG A 167 -4.06 -14.78 -26.96
C ARG A 167 -3.47 -13.92 -25.84
N TYR A 168 -3.47 -12.59 -25.99
CA TYR A 168 -2.99 -11.72 -24.92
C TYR A 168 -3.86 -11.84 -23.69
N VAL A 169 -5.18 -11.91 -23.89
CA VAL A 169 -6.11 -12.03 -22.77
C VAL A 169 -5.91 -13.35 -22.05
N GLU A 170 -5.60 -14.41 -22.80
CA GLU A 170 -5.28 -15.69 -22.15
C GLU A 170 -3.96 -15.61 -21.38
N TYR A 171 -2.96 -14.91 -21.93
CA TYR A 171 -1.67 -14.81 -21.25
C TYR A 171 -1.82 -14.18 -19.86
N GLY A 172 -2.59 -13.09 -19.78
CA GLY A 172 -2.68 -12.34 -18.54
C GLY A 172 -4.00 -12.47 -17.83
N LYS A 173 -4.64 -13.63 -17.96
CA LYS A 173 -5.98 -13.84 -17.40
C LYS A 173 -6.01 -13.55 -15.91
N ALA A 174 -4.95 -13.94 -15.18
CA ALA A 174 -4.91 -13.68 -13.75
C ALA A 174 -4.71 -12.21 -13.44
N GLU A 175 -3.80 -11.56 -14.17
CA GLU A 175 -3.46 -10.17 -13.86
C GLU A 175 -4.53 -9.20 -14.33
N LEU A 176 -5.09 -9.40 -15.51
CA LEU A 176 -6.09 -8.45 -15.99
C LEU A 176 -7.45 -8.66 -15.33
N GLY A 177 -7.78 -9.90 -14.95
CA GLY A 177 -8.98 -10.14 -14.20
C GLY A 177 -8.85 -9.92 -12.71
N ARG A 178 -7.70 -9.42 -12.25
CA ARG A 178 -7.51 -9.08 -10.85
C ARG A 178 -8.45 -7.95 -10.44
N ARG A 179 -8.60 -7.78 -9.13
CA ARG A 179 -9.50 -6.78 -8.56
C ARG A 179 -8.84 -6.17 -7.34
N GLU A 180 -8.68 -4.85 -7.34
CA GLU A 180 -8.12 -4.12 -6.22
C GLU A 180 -9.18 -3.21 -5.61
N ARG A 181 -9.38 -3.34 -4.30
CA ARG A 181 -10.39 -2.55 -3.60
C ARG A 181 -9.86 -1.14 -3.36
N PRO A 182 -10.62 -0.11 -3.71
CA PRO A 182 -10.16 1.25 -3.43
C PRO A 182 -10.37 1.55 -1.95
N GLU A 183 -9.48 2.35 -1.38
CA GLU A 183 -9.83 2.97 -0.11
C GLU A 183 -10.36 4.37 -0.29
N VAL A 184 -11.54 4.60 0.28
CA VAL A 184 -12.33 5.81 0.16
C VAL A 184 -12.09 6.65 1.41
N ARG A 185 -11.78 7.92 1.19
CA ARG A 185 -11.64 8.91 2.24
C ARG A 185 -12.63 10.03 1.98
N VAL A 186 -13.41 10.38 2.99
CA VAL A 186 -14.34 11.49 2.92
C VAL A 186 -13.74 12.63 3.73
N TRP A 187 -13.51 13.76 3.07
CA TRP A 187 -12.92 14.93 3.68
C TRP A 187 -13.89 16.10 3.54
N GLY A 188 -13.64 17.16 4.28
CA GLY A 188 -14.53 18.30 4.28
C GLY A 188 -13.82 19.60 4.54
N LYS A 189 -14.17 20.66 3.80
CA LYS A 189 -13.60 21.98 4.02
C LYS A 189 -14.71 23.03 3.95
N GLU A 190 -14.65 24.01 4.84
CA GLU A 190 -15.58 25.12 4.86
C GLU A 190 -14.84 26.38 4.44
N ALA A 191 -15.36 27.08 3.42
CA ALA A 191 -14.66 28.21 2.85
C ALA A 191 -15.46 29.49 3.25
N ASP A 192 -16.41 29.91 2.44
CA ASP A 192 -17.11 31.16 2.71
C ASP A 192 -18.57 30.86 3.04
N GLY A 193 -18.79 30.04 4.06
CA GLY A 193 -20.13 29.60 4.40
C GLY A 193 -20.63 28.40 3.63
N ILE A 194 -19.87 27.89 2.66
CA ILE A 194 -20.23 26.71 1.89
C ILE A 194 -19.38 25.56 2.38
N LEU A 195 -20.03 24.45 2.75
CA LEU A 195 -19.28 23.26 3.12
C LEU A 195 -19.08 22.39 1.88
N THR A 196 -17.84 22.02 1.62
CA THR A 196 -17.52 21.23 0.44
C THR A 196 -16.98 19.88 0.89
N LEU A 197 -17.67 18.84 0.46
CA LEU A 197 -17.30 17.46 0.78
C LEU A 197 -16.52 16.90 -0.38
N SER A 198 -15.36 16.31 -0.08
CA SER A 198 -14.57 15.59 -1.06
C SER A 198 -14.64 14.10 -0.74
N CYS A 199 -14.72 13.29 -1.79
CA CYS A 199 -14.66 11.84 -1.68
C CYS A 199 -13.56 11.34 -2.61
N ARG A 200 -12.58 10.66 -2.07
CA ARG A 200 -11.45 10.18 -2.86
C ARG A 200 -11.35 8.68 -2.77
N ALA A 201 -11.31 8.03 -3.93
CA ALA A 201 -11.10 6.59 -4.05
C ALA A 201 -9.68 6.39 -4.55
N HIS A 202 -8.87 5.73 -3.74
CA HIS A 202 -7.47 5.45 -4.03
C HIS A 202 -7.28 4.00 -4.44
N GLY A 203 -6.49 3.78 -5.49
CA GLY A 203 -5.98 2.46 -5.84
C GLY A 203 -7.02 1.40 -6.13
N PHE A 204 -7.84 1.60 -7.15
CA PHE A 204 -8.78 0.57 -7.56
C PHE A 204 -8.43 0.03 -8.93
N TYR A 205 -8.89 -1.20 -9.19
CA TYR A 205 -8.71 -1.88 -10.47
C TYR A 205 -9.81 -2.93 -10.63
N PRO A 206 -10.47 -2.99 -11.80
CA PRO A 206 -10.17 -2.21 -13.01
C PRO A 206 -10.64 -0.75 -12.94
N ARG A 207 -10.49 -0.05 -14.07
CA ARG A 207 -10.77 1.37 -14.20
C ARG A 207 -12.25 1.73 -14.10
N PRO A 208 -13.18 0.95 -14.64
CA PRO A 208 -14.60 1.30 -14.51
C PRO A 208 -15.02 1.41 -13.04
N ILE A 209 -15.45 2.61 -12.67
CA ILE A 209 -15.95 2.90 -11.34
C ILE A 209 -17.10 3.88 -11.47
N ALA A 210 -17.98 3.88 -10.47
CA ALA A 210 -19.09 4.83 -10.40
C ALA A 210 -19.13 5.40 -8.98
N VAL A 211 -18.71 6.65 -8.83
CA VAL A 211 -18.70 7.32 -7.53
C VAL A 211 -19.76 8.41 -7.55
N SER A 212 -20.65 8.38 -6.56
CA SER A 212 -21.76 9.31 -6.50
C SER A 212 -21.91 9.83 -5.07
N TRP A 213 -22.43 11.04 -4.96
CA TRP A 213 -22.85 11.58 -3.67
C TRP A 213 -24.34 11.37 -3.50
N LEU A 214 -24.75 11.12 -2.26
CA LEU A 214 -26.15 10.93 -1.93
C LEU A 214 -26.51 11.88 -0.81
N LYS A 215 -27.60 12.62 -1.00
CA LYS A 215 -28.10 13.55 0.00
C LYS A 215 -29.44 13.01 0.50
N ASP A 216 -29.52 12.79 1.81
CA ASP A 216 -30.67 12.14 2.45
C ASP A 216 -31.21 11.00 1.58
N GLY A 217 -30.31 10.12 1.14
CA GLY A 217 -30.67 8.89 0.48
C GLY A 217 -30.76 8.92 -1.04
N ALA A 218 -30.72 10.10 -1.66
CA ALA A 218 -30.90 10.22 -3.10
C ALA A 218 -29.62 10.68 -3.80
N VAL A 219 -29.35 10.11 -4.97
CA VAL A 219 -28.14 10.43 -5.70
C VAL A 219 -28.21 11.87 -6.20
N GLN A 220 -27.14 12.63 -6.00
CA GLN A 220 -27.07 14.03 -6.43
C GLN A 220 -26.46 14.07 -7.82
N GLY A 221 -27.30 13.73 -8.81
CA GLY A 221 -26.96 13.76 -10.22
C GLY A 221 -26.18 14.98 -10.68
N GLN A 222 -26.73 16.17 -10.44
CA GLN A 222 -26.25 17.39 -11.07
C GLN A 222 -25.43 18.26 -10.13
N ASP A 223 -25.16 17.79 -8.90
CA ASP A 223 -24.44 18.59 -7.92
C ASP A 223 -23.01 18.13 -7.69
N ALA A 224 -22.63 16.95 -8.16
CA ALA A 224 -21.29 16.45 -7.96
C ALA A 224 -20.34 16.98 -9.02
N GLN A 225 -19.13 17.34 -8.58
CA GLN A 225 -18.03 17.72 -9.46
C GLN A 225 -16.92 16.69 -9.33
N SER A 226 -16.37 16.24 -10.45
CA SER A 226 -15.42 15.13 -10.47
C SER A 226 -14.19 15.48 -11.29
N GLY A 227 -13.04 14.96 -10.88
CA GLY A 227 -11.86 15.07 -11.69
C GLY A 227 -11.69 13.97 -12.72
N GLY A 228 -12.68 13.10 -12.87
CA GLY A 228 -12.54 11.95 -13.72
C GLY A 228 -11.71 10.86 -13.07
N ILE A 229 -11.36 9.88 -13.88
CA ILE A 229 -10.54 8.76 -13.45
C ILE A 229 -9.11 9.03 -13.86
N VAL A 230 -8.21 9.12 -12.88
CA VAL A 230 -6.82 9.48 -13.11
C VAL A 230 -5.97 8.26 -12.76
N PRO A 231 -4.79 8.08 -13.34
CA PRO A 231 -4.01 6.88 -13.07
C PRO A 231 -3.04 7.05 -11.91
N ASN A 232 -2.83 5.95 -11.20
CA ASN A 232 -1.72 5.86 -10.28
C ASN A 232 -0.50 5.32 -11.03
N GLY A 233 0.66 5.42 -10.38
CA GLY A 233 1.85 4.96 -11.06
C GLY A 233 2.07 3.47 -11.08
N ASP A 234 1.07 2.67 -10.68
CA ASP A 234 1.28 1.25 -10.45
C ASP A 234 0.18 0.39 -11.05
N GLY A 235 -0.55 0.88 -12.05
CA GLY A 235 -1.59 0.11 -12.68
C GLY A 235 -2.92 0.18 -11.99
N THR A 236 -3.04 0.97 -10.91
CA THR A 236 -4.31 1.23 -10.25
C THR A 236 -4.77 2.63 -10.60
N TYR A 237 -5.96 2.99 -10.11
CA TYR A 237 -6.59 4.23 -10.52
C TYR A 237 -7.13 4.97 -9.31
N HIS A 238 -7.44 6.24 -9.54
CA HIS A 238 -7.85 7.17 -8.51
C HIS A 238 -8.99 8.02 -9.04
N THR A 239 -9.84 8.49 -8.14
CA THR A 239 -10.83 9.48 -8.53
C THR A 239 -11.26 10.29 -7.31
N TRP A 240 -11.66 11.53 -7.55
CA TRP A 240 -12.19 12.38 -6.49
C TRP A 240 -13.45 13.07 -6.99
N VAL A 241 -14.42 13.19 -6.08
CA VAL A 241 -15.71 13.79 -6.38
C VAL A 241 -16.05 14.76 -5.26
N THR A 242 -16.34 16.01 -5.61
CA THR A 242 -16.70 17.02 -4.63
C THR A 242 -18.17 17.38 -4.76
N ILE A 243 -18.71 17.97 -3.69
CA ILE A 243 -20.07 18.48 -3.68
C ILE A 243 -20.15 19.62 -2.69
N ASP A 244 -21.01 20.59 -2.99
CA ASP A 244 -21.21 21.76 -2.15
C ASP A 244 -22.52 21.63 -1.39
N ALA A 245 -22.57 22.21 -0.20
CA ALA A 245 -23.72 22.03 0.68
C ALA A 245 -23.74 23.15 1.71
N GLN A 246 -24.85 23.18 2.47
CA GLN A 246 -24.78 24.15 3.55
C GLN A 246 -24.27 23.47 4.80
N PRO A 247 -23.48 24.18 5.60
CA PRO A 247 -22.96 23.57 6.83
C PRO A 247 -24.13 23.27 7.76
N GLY A 248 -24.16 22.06 8.30
CA GLY A 248 -25.31 21.56 9.04
C GLY A 248 -26.07 20.47 8.33
N ASP A 249 -26.06 20.48 7.00
CA ASP A 249 -26.49 19.35 6.20
C ASP A 249 -25.34 18.40 5.89
N GLY A 250 -24.20 18.57 6.55
CA GLY A 250 -23.00 17.84 6.18
C GLY A 250 -23.06 16.36 6.49
N ASP A 251 -23.83 15.97 7.50
CA ASP A 251 -23.91 14.56 7.88
C ASP A 251 -24.96 13.76 7.12
N LYS A 252 -25.66 14.36 6.17
CA LYS A 252 -26.65 13.68 5.33
C LYS A 252 -26.05 13.22 4.02
N TYR A 253 -24.79 13.52 3.76
CA TYR A 253 -24.20 13.16 2.48
C TYR A 253 -23.45 11.86 2.69
N GLN A 254 -23.60 10.96 1.73
CA GLN A 254 -22.91 9.69 1.74
C GLN A 254 -22.27 9.50 0.38
N CYS A 255 -21.00 9.12 0.37
CA CYS A 255 -20.32 8.79 -0.86
C CYS A 255 -20.55 7.31 -1.15
N ARG A 256 -21.13 7.03 -2.31
CA ARG A 256 -21.42 5.68 -2.75
C ARG A 256 -20.46 5.30 -3.87
N VAL A 257 -19.77 4.18 -3.68
CA VAL A 257 -18.74 3.69 -4.61
C VAL A 257 -19.20 2.36 -5.16
N GLU A 258 -19.34 2.28 -6.49
CA GLU A 258 -19.68 1.06 -7.20
C GLU A 258 -18.44 0.65 -7.99
N HIS A 259 -17.97 -0.58 -7.73
CA HIS A 259 -16.75 -1.09 -8.35
C HIS A 259 -16.81 -2.61 -8.35
N ALA A 260 -16.11 -3.21 -9.31
CA ALA A 260 -16.16 -4.66 -9.44
C ALA A 260 -15.64 -5.37 -8.19
N SER A 261 -14.67 -4.77 -7.50
CA SER A 261 -14.08 -5.36 -6.31
C SER A 261 -14.96 -5.22 -5.06
N LEU A 262 -16.21 -4.81 -5.21
CA LEU A 262 -17.15 -4.69 -4.10
C LEU A 262 -18.41 -5.48 -4.43
N PRO A 263 -18.70 -6.56 -3.69
CA PRO A 263 -19.95 -7.28 -3.94
C PRO A 263 -21.18 -6.42 -3.67
N GLN A 264 -21.06 -5.43 -2.79
CA GLN A 264 -22.11 -4.46 -2.50
C GLN A 264 -21.50 -3.06 -2.52
N PRO A 265 -22.24 -2.06 -2.97
CA PRO A 265 -21.69 -0.70 -3.06
C PRO A 265 -21.25 -0.16 -1.71
N GLY A 266 -20.09 0.51 -1.70
CA GLY A 266 -19.55 1.06 -0.47
C GLY A 266 -20.18 2.38 -0.13
N LEU A 267 -20.60 2.54 1.12
CA LEU A 267 -21.22 3.76 1.62
C LEU A 267 -20.33 4.36 2.69
N TYR A 268 -19.91 5.61 2.48
CA TYR A 268 -18.98 6.27 3.39
C TYR A 268 -19.49 7.66 3.76
N SER A 269 -19.16 8.10 4.96
CA SER A 269 -19.68 9.36 5.49
C SER A 269 -18.54 10.25 5.96
N TRP A 270 -18.89 11.51 6.21
CA TRP A 270 -17.94 12.53 6.64
C TRP A 270 -17.66 12.43 8.15
N LEU B 1 -5.94 22.63 -26.26
CA LEU B 1 -6.39 23.42 -25.13
C LEU B 1 -5.43 23.32 -23.95
N THR B 2 -5.76 24.02 -22.88
CA THR B 2 -4.91 24.09 -21.71
C THR B 2 -4.94 22.77 -20.94
N PRO B 3 -3.85 22.45 -20.23
CA PRO B 3 -3.87 21.21 -19.44
C PRO B 3 -4.75 21.34 -18.22
N LYS B 4 -5.35 20.21 -17.85
CA LYS B 4 -6.10 20.09 -16.61
C LYS B 4 -5.28 19.23 -15.67
N VAL B 5 -5.00 19.74 -14.48
CA VAL B 5 -3.97 19.22 -13.59
C VAL B 5 -4.63 18.76 -12.29
N GLN B 6 -4.24 17.57 -11.84
CA GLN B 6 -4.68 17.06 -10.55
C GLN B 6 -3.48 16.56 -9.77
N VAL B 7 -3.43 16.89 -8.49
CA VAL B 7 -2.34 16.48 -7.60
C VAL B 7 -2.94 15.66 -6.47
N TYR B 8 -2.47 14.42 -6.34
CA TYR B 8 -3.07 13.50 -5.39
C TYR B 8 -2.04 12.46 -4.97
N SER B 9 -2.25 11.86 -3.81
CA SER B 9 -1.35 10.82 -3.34
C SER B 9 -1.92 9.47 -3.70
N ARG B 10 -1.04 8.46 -3.72
CA ARG B 10 -1.49 7.13 -4.12
C ARG B 10 -2.29 6.47 -3.01
N PHE B 11 -1.91 6.73 -1.76
CA PHE B 11 -2.70 6.36 -0.60
C PHE B 11 -3.11 7.63 0.13
N PRO B 12 -4.21 7.59 0.89
CA PRO B 12 -4.55 8.72 1.76
C PRO B 12 -3.40 9.04 2.71
N ALA B 13 -2.97 10.29 2.70
CA ALA B 13 -1.75 10.66 3.39
C ALA B 13 -1.91 10.59 4.90
N SER B 14 -0.86 10.09 5.57
CA SER B 14 -0.69 10.18 7.00
C SER B 14 0.77 10.51 7.23
N ALA B 15 1.03 11.54 8.03
CA ALA B 15 2.40 11.97 8.27
C ALA B 15 3.22 10.83 8.85
N GLY B 16 4.32 10.47 8.16
CA GLY B 16 5.19 9.39 8.55
C GLY B 16 5.02 8.11 7.77
N THR B 17 3.86 7.88 7.14
CA THR B 17 3.66 6.70 6.32
C THR B 17 4.10 7.01 4.89
N LYS B 18 4.84 6.09 4.30
CA LYS B 18 5.34 6.31 2.95
C LYS B 18 4.20 6.24 1.94
N ASN B 19 4.37 6.96 0.84
CA ASN B 19 3.30 7.20 -0.13
C ASN B 19 3.96 7.58 -1.45
N VAL B 20 3.11 7.85 -2.45
CA VAL B 20 3.54 8.36 -3.74
C VAL B 20 2.72 9.59 -4.07
N LEU B 21 3.38 10.67 -4.46
CA LEU B 21 2.72 11.89 -4.92
C LEU B 21 2.66 11.90 -6.43
N ASN B 22 1.46 12.14 -6.98
CA ASN B 22 1.19 12.13 -8.41
C ASN B 22 0.62 13.47 -8.85
N CYS B 23 1.08 13.91 -10.02
CA CYS B 23 0.56 15.09 -10.71
C CYS B 23 0.22 14.64 -12.13
N PHE B 24 -1.07 14.67 -12.45
CA PHE B 24 -1.59 14.20 -13.73
C PHE B 24 -2.12 15.38 -14.53
N ALA B 25 -1.64 15.52 -15.77
CA ALA B 25 -2.08 16.58 -16.66
C ALA B 25 -2.74 15.94 -17.88
N ALA B 26 -3.91 16.44 -18.24
CA ALA B 26 -4.66 15.82 -19.33
C ALA B 26 -5.30 16.90 -20.20
N GLY B 27 -5.68 16.48 -21.41
CA GLY B 27 -6.49 17.32 -22.27
C GLY B 27 -5.78 18.51 -22.87
N PHE B 28 -4.48 18.41 -23.11
CA PHE B 28 -3.71 19.53 -23.63
C PHE B 28 -3.14 19.19 -25.00
N HIS B 29 -2.60 20.22 -25.64
CA HIS B 29 -2.03 20.16 -26.98
C HIS B 29 -1.29 21.46 -27.25
N PRO B 30 -0.09 21.43 -27.85
CA PRO B 30 0.77 20.35 -28.34
C PRO B 30 1.34 19.46 -27.22
N PRO B 31 1.95 18.32 -27.57
CA PRO B 31 2.44 17.39 -26.53
C PRO B 31 3.52 17.97 -25.63
N LYS B 32 4.27 18.97 -26.08
CA LYS B 32 5.32 19.57 -25.25
C LYS B 32 4.74 20.10 -23.95
N ILE B 33 5.34 19.68 -22.83
CA ILE B 33 4.82 20.04 -21.52
C ILE B 33 5.95 19.92 -20.51
N SER B 34 5.92 20.76 -19.49
CA SER B 34 6.89 20.67 -18.41
C SER B 34 6.11 20.48 -17.11
N ILE B 35 6.43 19.41 -16.38
CA ILE B 35 5.74 19.07 -15.14
C ILE B 35 6.79 18.71 -14.09
N THR B 36 6.73 19.37 -12.93
CA THR B 36 7.74 19.15 -11.91
C THR B 36 7.10 19.07 -10.53
N LEU B 37 7.38 17.99 -9.82
CA LEU B 37 6.94 17.85 -8.44
C LEU B 37 7.87 18.61 -7.51
N MET B 38 7.30 19.37 -6.58
CA MET B 38 8.08 20.19 -5.65
C MET B 38 7.61 19.95 -4.22
N LYS B 39 8.57 19.93 -3.29
CA LYS B 39 8.29 20.08 -1.87
C LYS B 39 8.99 21.34 -1.38
N ASP B 40 8.22 22.25 -0.78
CA ASP B 40 8.74 23.52 -0.30
C ASP B 40 9.50 24.26 -1.40
N GLY B 41 8.89 24.31 -2.57
CA GLY B 41 9.45 25.03 -3.70
C GLY B 41 10.68 24.41 -4.32
N VAL B 42 11.14 23.26 -3.84
CA VAL B 42 12.34 22.63 -4.38
C VAL B 42 11.90 21.40 -5.16
N PRO B 43 12.45 21.16 -6.35
CA PRO B 43 12.08 19.95 -7.10
C PRO B 43 12.43 18.69 -6.32
N MET B 44 11.48 17.79 -6.21
CA MET B 44 11.71 16.49 -5.57
C MET B 44 12.52 15.58 -6.49
N GLU B 45 13.29 14.68 -5.89
CA GLU B 45 14.13 13.77 -6.65
C GLU B 45 13.56 12.37 -6.62
N GLY B 46 13.97 11.56 -7.60
CA GLY B 46 13.33 10.29 -7.84
C GLY B 46 12.01 10.40 -8.55
N ALA B 47 11.80 11.49 -9.31
CA ALA B 47 10.55 11.75 -10.02
C ALA B 47 10.58 11.09 -11.40
N GLN B 48 9.41 10.61 -11.83
CA GLN B 48 9.30 9.93 -13.12
C GLN B 48 8.10 10.39 -13.93
N TYR B 49 8.29 10.36 -15.24
CA TYR B 49 7.33 10.85 -16.21
C TYR B 49 6.80 9.67 -17.02
N SER B 50 5.50 9.46 -16.99
CA SER B 50 4.89 8.46 -17.86
C SER B 50 5.16 8.79 -19.32
N ASP B 51 5.10 7.76 -20.16
CA ASP B 51 5.30 7.98 -21.58
C ASP B 51 4.15 8.80 -22.17
N MET B 52 4.43 9.40 -23.32
CA MET B 52 3.45 10.25 -23.98
C MET B 52 2.27 9.40 -24.46
N SER B 53 1.07 9.77 -24.02
CA SER B 53 -0.14 9.09 -24.43
C SER B 53 -1.21 10.13 -24.70
N PHE B 54 -2.25 9.72 -25.39
CA PHE B 54 -3.38 10.59 -25.66
C PHE B 54 -4.65 9.77 -25.53
N ASN B 55 -5.80 10.46 -25.53
CA ASN B 55 -7.08 9.80 -25.40
C ASN B 55 -7.85 9.92 -26.71
N ASP B 56 -9.14 9.56 -26.69
CA ASP B 56 -9.90 9.38 -27.94
C ASP B 56 -10.10 10.68 -28.70
N ASP B 57 -9.98 11.83 -28.04
CA ASP B 57 -10.06 13.12 -28.72
C ASP B 57 -8.71 13.67 -29.11
N TRP B 58 -7.67 12.83 -29.14
CA TRP B 58 -6.33 13.22 -29.55
C TRP B 58 -5.64 14.12 -28.54
N THR B 59 -6.30 14.49 -27.44
CA THR B 59 -5.66 15.31 -26.42
C THR B 59 -4.69 14.45 -25.59
N PHE B 60 -3.58 15.05 -25.20
CA PHE B 60 -2.48 14.32 -24.57
C PHE B 60 -2.59 14.29 -23.05
N GLN B 61 -1.81 13.39 -22.44
CA GLN B 61 -1.78 13.20 -20.98
C GLN B 61 -0.39 12.82 -20.54
N ARG B 62 -0.04 13.23 -19.32
CA ARG B 62 1.21 12.81 -18.69
C ARG B 62 1.00 12.70 -17.19
N LEU B 63 1.56 11.65 -16.59
CA LEU B 63 1.56 11.45 -15.15
C LEU B 63 2.99 11.54 -14.64
N VAL B 64 3.18 12.30 -13.56
CA VAL B 64 4.48 12.40 -12.90
C VAL B 64 4.29 11.96 -11.44
N HIS B 65 5.15 11.07 -10.97
CA HIS B 65 4.99 10.55 -9.63
C HIS B 65 6.34 10.45 -8.94
N ALA B 66 6.29 10.47 -7.61
CA ALA B 66 7.50 10.36 -6.80
C ALA B 66 7.16 9.76 -5.45
N ASP B 67 7.94 8.76 -5.03
CA ASP B 67 7.81 8.23 -3.68
C ASP B 67 8.23 9.29 -2.68
N PHE B 68 7.55 9.32 -1.53
CA PHE B 68 7.86 10.32 -0.51
C PHE B 68 7.14 9.97 0.78
N THR B 69 7.61 10.58 1.87
CA THR B 69 6.97 10.44 3.17
C THR B 69 6.37 11.79 3.57
N PRO B 70 5.05 11.93 3.59
CA PRO B 70 4.45 13.24 3.89
C PRO B 70 4.84 13.77 5.25
N SER B 71 5.05 15.08 5.32
CA SER B 71 5.34 15.78 6.55
C SER B 71 4.48 17.03 6.60
N SER B 72 3.66 17.15 7.64
CA SER B 72 2.87 18.35 7.83
C SER B 72 3.80 19.51 8.14
N GLY B 73 3.33 20.72 7.86
CA GLY B 73 4.21 21.87 7.90
C GLY B 73 5.18 21.94 6.75
N SER B 74 5.04 21.07 5.76
CA SER B 74 5.80 21.10 4.53
C SER B 74 4.80 21.02 3.38
N THR B 75 4.92 21.94 2.42
CA THR B 75 3.96 22.05 1.34
C THR B 75 4.45 21.36 0.08
N TYR B 76 3.55 20.61 -0.55
CA TYR B 76 3.84 19.85 -1.76
C TYR B 76 3.01 20.43 -2.89
N ALA B 77 3.62 20.52 -4.07
CA ALA B 77 2.98 21.19 -5.19
C ALA B 77 3.50 20.60 -6.50
N CYS B 78 2.88 21.06 -7.59
CA CYS B 78 3.25 20.61 -8.93
C CYS B 78 3.26 21.81 -9.86
N LYS B 79 4.39 22.02 -10.54
CA LYS B 79 4.61 23.17 -11.41
C LYS B 79 4.46 22.73 -12.86
N VAL B 80 3.59 23.42 -13.60
CA VAL B 80 3.20 23.06 -14.96
C VAL B 80 3.53 24.23 -15.87
N GLU B 81 4.18 23.92 -16.99
CA GLU B 81 4.53 24.91 -18.01
C GLU B 81 4.07 24.38 -19.36
N HIS B 82 3.30 25.20 -20.08
CA HIS B 82 2.75 24.82 -21.36
C HIS B 82 2.59 26.05 -22.23
N GLU B 83 2.66 25.83 -23.54
CA GLU B 83 2.54 26.91 -24.51
C GLU B 83 1.23 27.68 -24.34
N THR B 84 0.12 26.98 -24.07
CA THR B 84 -1.17 27.66 -23.96
C THR B 84 -1.30 28.50 -22.68
N LEU B 85 -0.31 28.49 -21.80
CA LEU B 85 -0.32 29.28 -20.57
C LEU B 85 0.71 30.39 -20.71
N LYS B 86 0.29 31.63 -20.42
CA LYS B 86 1.23 32.75 -20.40
C LYS B 86 2.39 32.47 -19.46
N GLU B 87 2.13 31.85 -18.33
CA GLU B 87 3.07 31.74 -17.22
C GLU B 87 2.90 30.38 -16.58
N PRO B 88 3.90 29.89 -15.86
CA PRO B 88 3.74 28.63 -15.13
C PRO B 88 2.58 28.67 -14.15
N GLN B 89 1.98 27.51 -13.92
CA GLN B 89 0.88 27.36 -12.98
C GLN B 89 1.28 26.31 -11.93
N VAL B 90 0.96 26.57 -10.67
CA VAL B 90 1.40 25.73 -9.56
C VAL B 90 0.17 25.21 -8.83
N TYR B 91 0.07 23.89 -8.67
CA TYR B 91 -1.10 23.23 -8.08
C TYR B 91 -0.68 22.63 -6.74
N LYS B 92 -1.25 23.16 -5.66
CA LYS B 92 -0.96 22.69 -4.31
C LYS B 92 -1.64 21.36 -4.03
N TRP B 93 -0.93 20.47 -3.34
CA TRP B 93 -1.51 19.22 -2.88
C TRP B 93 -2.15 19.39 -1.51
N ASP B 94 -3.37 18.87 -1.34
CA ASP B 94 -4.04 18.86 -0.06
C ASP B 94 -3.86 17.50 0.60
N PRO B 95 -3.14 17.40 1.72
CA PRO B 95 -2.96 16.09 2.36
C PRO B 95 -4.27 15.45 2.80
N GLU B 96 -5.27 16.27 3.16
CA GLU B 96 -6.55 15.78 3.69
C GLU B 96 -6.33 14.83 4.87
N ARG C 1 0.09 -7.82 -31.73
CA ARG C 1 1.12 -7.56 -32.72
C ARG C 1 0.81 -6.28 -33.49
N ARG C 2 1.84 -5.46 -33.70
CA ARG C 2 1.69 -4.25 -34.48
C ARG C 2 1.46 -4.57 -35.96
N ARG C 3 0.85 -3.63 -36.66
CA ARG C 3 0.55 -3.76 -38.08
C ARG C 3 1.49 -2.87 -38.88
N GLU C 4 1.57 -3.17 -40.18
CA GLU C 4 2.42 -2.39 -41.07
C GLU C 4 1.62 -1.25 -41.67
N GLN C 5 2.30 -0.17 -41.97
CA GLN C 5 1.68 1.06 -42.44
C GLN C 5 2.25 1.44 -43.80
N THR C 6 1.74 2.52 -44.36
CA THR C 6 2.24 3.06 -45.61
C THR C 6 2.45 4.57 -45.47
N ASP C 7 3.14 5.16 -46.44
CA ASP C 7 3.53 6.55 -46.34
C ASP C 7 2.34 7.48 -46.52
N TYR C 8 2.47 8.68 -45.96
CA TYR C 8 1.43 9.70 -46.06
C TYR C 8 1.56 10.44 -47.40
N THR D 1 -19.65 17.45 -29.72
CA THR D 1 -19.61 16.37 -30.69
C THR D 1 -19.95 15.01 -30.07
N MET D 2 -21.10 14.45 -30.48
CA MET D 2 -21.65 13.19 -30.00
C MET D 2 -22.93 12.95 -30.76
N GLU D 3 -23.14 11.72 -31.16
CA GLU D 3 -24.31 11.51 -31.99
C GLU D 3 -24.86 10.10 -31.77
N ALA D 4 -26.21 9.98 -31.72
CA ALA D 4 -26.99 8.74 -31.68
C ALA D 4 -27.44 8.34 -33.09
N ARG D 5 -27.51 7.04 -33.34
CA ARG D 5 -27.81 6.52 -34.68
C ARG D 5 -28.39 5.13 -34.51
N PHE D 6 -28.87 4.58 -35.63
CA PHE D 6 -29.18 3.16 -35.73
C PHE D 6 -27.88 2.37 -35.72
N LEU D 7 -27.83 1.29 -34.93
CA LEU D 7 -26.66 0.42 -34.96
C LEU D 7 -26.47 -0.18 -36.34
N ASN D 8 -27.55 -0.41 -37.06
CA ASN D 8 -27.49 -0.83 -38.45
C ASN D 8 -27.52 0.42 -39.31
N ARG D 9 -26.42 0.67 -40.04
CA ARG D 9 -26.34 1.89 -40.83
C ARG D 9 -27.11 1.82 -42.13
N ASN D 10 -27.73 0.68 -42.43
CA ASN D 10 -28.66 0.55 -43.54
C ASN D 10 -30.09 0.89 -43.17
N MET D 11 -30.46 0.74 -41.90
CA MET D 11 -31.84 0.99 -41.50
C MET D 11 -32.21 2.44 -41.75
N LYS D 12 -33.41 2.62 -42.29
CA LYS D 12 -33.93 3.94 -42.59
C LYS D 12 -35.19 4.28 -41.82
N HIS D 13 -35.95 3.28 -41.40
CA HIS D 13 -37.12 3.45 -40.58
C HIS D 13 -37.27 2.22 -39.70
N PRO D 14 -37.71 2.37 -38.45
CA PRO D 14 -38.05 1.20 -37.64
C PRO D 14 -39.20 0.43 -38.26
N GLN D 15 -39.51 -0.72 -37.68
CA GLN D 15 -40.57 -1.57 -38.18
C GLN D 15 -41.46 -2.11 -37.06
N GLU D 16 -42.76 -2.14 -37.33
CA GLU D 16 -43.77 -2.37 -36.30
C GLU D 16 -43.70 -3.80 -35.78
N GLY D 17 -43.65 -3.89 -34.45
CA GLY D 17 -43.54 -5.13 -33.76
C GLY D 17 -42.12 -5.61 -33.65
N GLN D 18 -41.14 -4.86 -34.18
CA GLN D 18 -39.87 -5.55 -33.97
C GLN D 18 -38.77 -4.73 -33.33
N PRO D 19 -37.74 -5.42 -32.79
CA PRO D 19 -36.69 -4.69 -32.06
C PRO D 19 -36.00 -3.65 -32.91
N LEU D 20 -35.66 -2.55 -32.23
CA LEU D 20 -34.92 -1.44 -32.80
C LEU D 20 -33.73 -1.17 -31.88
N GLU D 21 -32.52 -1.21 -32.43
CA GLU D 21 -31.30 -0.91 -31.68
C GLU D 21 -30.80 0.48 -32.01
N LEU D 22 -30.78 1.34 -31.00
CA LEU D 22 -30.09 2.61 -31.16
C LEU D 22 -28.84 2.62 -30.29
N GLU D 23 -27.97 3.57 -30.62
CA GLU D 23 -26.62 3.60 -30.07
C GLU D 23 -26.06 5.01 -30.09
N CYS D 24 -25.13 5.25 -29.17
CA CYS D 24 -24.57 6.59 -28.97
C CYS D 24 -23.18 6.44 -28.36
N MET D 25 -22.18 7.05 -28.98
CA MET D 25 -20.80 7.00 -28.53
C MET D 25 -20.43 8.34 -27.88
N PRO D 26 -20.43 8.45 -26.56
CA PRO D 26 -20.09 9.72 -25.92
C PRO D 26 -18.62 10.05 -26.04
N PHE D 27 -18.32 11.35 -25.91
CA PHE D 27 -16.95 11.77 -25.99
C PHE D 27 -16.17 11.30 -24.74
N ASN D 28 -16.87 11.06 -23.62
CA ASN D 28 -16.31 10.58 -22.36
C ASN D 28 -17.20 9.45 -21.85
N ILE D 29 -16.60 8.29 -21.58
CA ILE D 29 -17.31 7.09 -21.13
C ILE D 29 -16.93 6.70 -19.69
N ASP D 30 -16.36 7.63 -18.93
CA ASP D 30 -16.27 7.44 -17.50
C ASP D 30 -17.57 7.80 -16.80
N ASN D 31 -18.58 8.20 -17.58
CA ASN D 31 -19.89 8.57 -17.08
C ASN D 31 -20.95 7.76 -17.81
N GLY D 32 -22.06 7.52 -17.12
CA GLY D 32 -23.21 6.94 -17.77
C GLY D 32 -23.86 7.95 -18.71
N VAL D 33 -24.91 7.49 -19.37
CA VAL D 33 -25.71 8.35 -20.24
C VAL D 33 -27.18 8.08 -19.93
N SER D 34 -28.03 8.91 -20.52
CA SER D 34 -29.47 8.74 -20.40
C SER D 34 -30.07 8.78 -21.80
N TRP D 35 -30.95 7.83 -22.07
CA TRP D 35 -31.69 7.80 -23.32
C TRP D 35 -33.05 8.45 -23.10
N ILE D 36 -33.42 9.34 -24.02
CA ILE D 36 -34.72 9.98 -23.95
C ILE D 36 -35.36 9.94 -25.33
N ARG D 37 -36.69 9.96 -25.35
CA ARG D 37 -37.44 10.02 -26.59
C ARG D 37 -38.27 11.29 -26.58
N GLN D 38 -38.19 12.05 -27.68
CA GLN D 38 -39.02 13.24 -27.86
C GLN D 38 -40.11 12.93 -28.87
N ASP D 39 -41.36 13.23 -28.51
CA ASP D 39 -42.44 13.13 -29.48
C ASP D 39 -42.22 14.14 -30.60
N LYS D 40 -43.02 14.01 -31.67
CA LYS D 40 -43.12 15.12 -32.62
C LYS D 40 -43.75 16.34 -31.97
N ASP D 41 -44.72 16.13 -31.07
CA ASP D 41 -45.30 17.24 -30.32
C ASP D 41 -44.24 18.00 -29.54
N GLY D 42 -43.19 17.30 -29.07
CA GLY D 42 -42.16 17.90 -28.23
C GLY D 42 -42.07 17.43 -26.81
N LYS D 43 -42.99 16.60 -26.32
CA LYS D 43 -42.82 16.18 -24.94
C LYS D 43 -41.65 15.20 -24.86
N LEU D 44 -40.85 15.33 -23.82
CA LEU D 44 -39.66 14.51 -23.65
C LEU D 44 -39.97 13.41 -22.65
N HIS D 45 -39.47 12.21 -22.93
CA HIS D 45 -39.72 11.04 -22.09
C HIS D 45 -38.39 10.47 -21.67
N PHE D 46 -38.22 10.23 -20.38
CA PHE D 46 -37.05 9.54 -19.90
C PHE D 46 -37.23 8.05 -20.10
N ILE D 47 -36.21 7.38 -20.65
CA ILE D 47 -36.28 5.97 -20.97
C ILE D 47 -35.43 5.15 -20.01
N VAL D 48 -34.14 5.47 -19.90
CA VAL D 48 -33.23 4.74 -19.02
C VAL D 48 -31.92 5.49 -18.85
N TYR D 49 -31.29 5.30 -17.70
CA TYR D 49 -29.93 5.75 -17.46
C TYR D 49 -29.04 4.50 -17.41
N ILE D 50 -27.89 4.56 -18.08
CA ILE D 50 -26.93 3.46 -18.13
C ILE D 50 -25.65 3.96 -17.47
N SER D 51 -25.24 3.30 -16.39
CA SER D 51 -24.06 3.68 -15.63
C SER D 51 -22.79 3.20 -16.34
N PRO D 52 -21.62 3.73 -15.95
CA PRO D 52 -20.37 3.24 -16.55
C PRO D 52 -20.08 1.75 -16.27
N LEU D 53 -20.80 1.13 -15.34
CA LEU D 53 -20.65 -0.29 -15.07
C LEU D 53 -21.69 -1.13 -15.81
N SER D 54 -22.22 -0.62 -16.92
CA SER D 54 -23.38 -1.20 -17.58
C SER D 54 -24.50 -1.52 -16.57
N ARG D 55 -24.85 -0.51 -15.73
CA ARG D 55 -25.98 -0.52 -14.78
C ARG D 55 -27.10 0.35 -15.32
N THR D 56 -28.30 -0.23 -15.48
CA THR D 56 -29.34 0.51 -16.17
C THR D 56 -30.46 0.85 -15.20
N ALA D 57 -31.04 2.04 -15.40
CA ALA D 57 -32.11 2.57 -14.55
C ALA D 57 -33.16 3.30 -15.39
N PHE D 58 -34.34 2.73 -15.30
CA PHE D 58 -35.59 3.13 -16.00
C PHE D 58 -36.47 3.92 -15.04
N PRO D 59 -37.66 4.41 -15.48
CA PRO D 59 -38.61 5.14 -14.63
C PRO D 59 -39.03 4.32 -13.41
N ARG D 60 -39.52 4.77 -12.28
CA ARG D 60 -39.59 4.09 -10.94
C ARG D 60 -38.11 3.82 -10.61
N ASN D 61 -37.59 2.77 -10.25
CA ASN D 61 -36.16 2.66 -9.92
C ASN D 61 -36.03 1.15 -9.94
N GLU D 62 -35.71 0.62 -11.11
CA GLU D 62 -36.12 -0.80 -11.35
C GLU D 62 -35.13 -1.86 -11.84
N ARG D 63 -34.33 -1.51 -12.83
CA ARG D 63 -33.35 -2.32 -13.55
C ARG D 63 -34.04 -3.45 -14.35
N THR D 64 -35.36 -3.50 -14.38
CA THR D 64 -35.94 -4.55 -15.21
C THR D 64 -37.11 -3.99 -16.02
N SER D 65 -37.05 -4.19 -17.34
CA SER D 65 -38.03 -3.64 -18.28
C SER D 65 -38.47 -4.68 -19.33
N SER D 66 -39.78 -4.71 -19.63
CA SER D 66 -40.39 -5.57 -20.66
C SER D 66 -40.12 -5.03 -22.04
N GLN D 67 -39.60 -3.85 -22.05
CA GLN D 67 -39.83 -2.86 -23.07
C GLN D 67 -38.57 -2.16 -23.50
N PHE D 68 -37.51 -2.18 -22.70
CA PHE D 68 -36.23 -1.65 -23.14
C PHE D 68 -35.12 -2.53 -22.58
N GLU D 69 -33.99 -2.48 -23.26
CA GLU D 69 -32.75 -3.06 -22.81
C GLU D 69 -31.69 -1.98 -22.95
N GLY D 70 -30.91 -1.75 -21.91
CA GLY D 70 -29.79 -0.83 -21.98
C GLY D 70 -28.51 -1.59 -21.70
N SER D 71 -27.42 -1.12 -22.29
CA SER D 71 -26.17 -1.80 -22.04
C SER D 71 -25.00 -0.91 -22.48
N LYS D 72 -23.84 -1.24 -21.97
CA LYS D 72 -22.60 -0.59 -22.36
C LYS D 72 -21.81 -1.62 -23.17
N GLN D 73 -21.46 -1.25 -24.40
CA GLN D 73 -20.70 -2.16 -25.26
C GLN D 73 -19.47 -1.43 -25.76
N GLY D 74 -18.30 -1.98 -25.45
CA GLY D 74 -17.07 -1.27 -25.67
C GLY D 74 -17.17 0.17 -25.24
N SER D 75 -16.86 1.06 -26.16
CA SER D 75 -16.96 2.51 -25.95
C SER D 75 -18.26 3.05 -26.53
N SER D 76 -19.37 2.39 -26.22
CA SER D 76 -20.66 2.83 -26.72
C SER D 76 -21.73 2.52 -25.68
N PHE D 77 -22.85 3.22 -25.80
CA PHE D 77 -24.04 2.92 -25.03
C PHE D 77 -25.12 2.51 -26.02
N ARG D 78 -25.92 1.54 -25.59
CA ARG D 78 -26.86 0.83 -26.44
C ARG D 78 -28.23 0.83 -25.81
N LEU D 79 -29.24 1.15 -26.61
CA LEU D 79 -30.64 1.05 -26.26
C LEU D 79 -31.33 0.11 -27.23
N VAL D 80 -32.17 -0.78 -26.71
CA VAL D 80 -32.93 -1.72 -27.53
C VAL D 80 -34.40 -1.60 -27.15
N VAL D 81 -35.23 -1.24 -28.13
CA VAL D 81 -36.67 -1.36 -28.01
C VAL D 81 -37.04 -2.77 -28.47
N LYS D 82 -37.42 -3.61 -27.52
CA LYS D 82 -37.64 -5.04 -27.79
C LYS D 82 -38.71 -5.26 -28.84
N ASN D 83 -39.75 -4.44 -28.86
CA ASN D 83 -40.82 -4.60 -29.84
C ASN D 83 -41.33 -3.20 -30.15
N PHE D 84 -40.85 -2.64 -31.26
CA PHE D 84 -41.10 -1.25 -31.58
C PHE D 84 -42.52 -1.09 -32.14
N ARG D 85 -43.31 -0.24 -31.47
CA ARG D 85 -44.69 0.01 -31.86
C ARG D 85 -44.90 1.51 -32.07
N ALA D 86 -46.15 1.92 -32.30
CA ALA D 86 -46.43 3.31 -32.64
C ALA D 86 -46.03 4.29 -31.54
N GLN D 87 -46.31 3.96 -30.27
CA GLN D 87 -45.92 4.86 -29.19
C GLN D 87 -44.41 5.06 -29.11
N ASP D 88 -43.61 4.14 -29.65
CA ASP D 88 -42.17 4.29 -29.53
C ASP D 88 -41.59 5.18 -30.61
N GLN D 89 -42.43 5.71 -31.49
CA GLN D 89 -41.97 6.63 -32.51
C GLN D 89 -41.56 7.95 -31.88
N GLY D 90 -40.54 8.57 -32.45
CA GLY D 90 -40.05 9.83 -31.94
C GLY D 90 -38.59 10.00 -32.30
N THR D 91 -38.01 11.08 -31.81
CA THR D 91 -36.59 11.33 -32.00
C THR D 91 -35.86 10.95 -30.73
N TYR D 92 -34.89 10.05 -30.86
CA TYR D 92 -34.19 9.50 -29.71
C TYR D 92 -32.89 10.25 -29.48
N PHE D 93 -32.71 10.73 -28.25
CA PHE D 93 -31.55 11.50 -27.86
C PHE D 93 -30.75 10.71 -26.82
N CYS D 94 -29.48 11.04 -26.75
CA CYS D 94 -28.59 10.54 -25.73
C CYS D 94 -27.98 11.71 -25.00
N ILE D 95 -27.86 11.59 -23.68
CA ILE D 95 -27.55 12.72 -22.82
C ILE D 95 -26.47 12.30 -21.82
N ALA D 96 -25.36 13.04 -21.80
CA ALA D 96 -24.29 12.81 -20.85
C ALA D 96 -24.20 13.99 -19.89
N ASN D 97 -24.31 13.71 -18.60
CA ASN D 97 -24.18 14.73 -17.56
C ASN D 97 -22.81 14.63 -16.89
N ILE D 98 -21.89 15.48 -17.32
CA ILE D 98 -20.51 15.48 -16.85
C ILE D 98 -20.18 16.83 -16.22
N ASN D 99 -19.77 16.80 -14.96
CA ASN D 99 -19.23 17.98 -14.27
C ASN D 99 -20.29 19.07 -14.12
N GLN D 100 -21.51 18.68 -13.75
CA GLN D 100 -22.71 19.51 -13.65
C GLN D 100 -23.12 20.12 -14.97
N MET D 101 -22.48 19.75 -16.08
CA MET D 101 -22.90 20.23 -17.39
C MET D 101 -23.62 19.13 -18.14
N LEU D 102 -24.58 19.52 -18.96
CA LEU D 102 -25.37 18.59 -19.76
C LEU D 102 -24.87 18.66 -21.20
N TYR D 103 -24.67 17.50 -21.81
CA TYR D 103 -24.28 17.39 -23.21
C TYR D 103 -25.30 16.53 -23.93
N PHE D 104 -25.72 16.98 -25.11
CA PHE D 104 -26.77 16.32 -25.87
C PHE D 104 -26.21 15.78 -27.17
N SER D 105 -26.47 14.50 -27.42
CA SER D 105 -26.10 13.95 -28.71
C SER D 105 -27.07 14.43 -29.78
N SER D 106 -26.73 14.12 -31.02
CA SER D 106 -27.64 14.38 -32.12
C SER D 106 -28.86 13.48 -31.96
N GLY D 107 -30.00 13.99 -32.43
CA GLY D 107 -31.22 13.22 -32.37
C GLY D 107 -31.29 12.22 -33.51
N GLN D 108 -31.89 11.06 -33.23
CA GLN D 108 -32.10 10.07 -34.28
C GLN D 108 -33.60 9.91 -34.50
N PRO D 109 -34.15 10.32 -35.65
CA PRO D 109 -35.57 10.10 -35.90
C PRO D 109 -35.90 8.62 -36.08
N ALA D 110 -37.04 8.21 -35.51
CA ALA D 110 -37.51 6.82 -35.56
C ALA D 110 -39.03 6.86 -35.74
N PHE D 111 -39.47 6.83 -37.00
CA PHE D 111 -40.89 6.82 -37.33
C PHE D 111 -41.13 5.78 -38.41
N PHE D 112 -42.33 5.23 -38.42
CA PHE D 112 -42.70 4.20 -39.39
C PHE D 112 -42.61 4.73 -40.81
N THR E 1 -46.31 18.59 -11.85
CA THR E 1 -44.86 18.46 -11.80
C THR E 1 -44.16 19.78 -12.14
N MET E 2 -43.07 19.71 -12.89
CA MET E 2 -42.27 20.89 -13.21
C MET E 2 -42.77 21.59 -14.47
N GLU E 3 -42.68 22.92 -14.45
CA GLU E 3 -42.97 23.70 -15.66
C GLU E 3 -41.93 24.80 -15.76
N ALA E 4 -41.29 24.93 -16.92
CA ALA E 4 -40.44 26.07 -17.24
C ALA E 4 -41.28 27.06 -18.04
N ARG E 5 -41.24 28.35 -17.66
CA ARG E 5 -42.29 29.25 -18.15
C ARG E 5 -41.85 30.70 -18.27
N PHE E 6 -42.79 31.49 -18.81
CA PHE E 6 -42.77 32.94 -18.63
C PHE E 6 -43.18 33.27 -17.20
N LEU E 7 -42.35 34.04 -16.50
CA LEU E 7 -42.72 34.45 -15.15
C LEU E 7 -43.93 35.38 -15.18
N ASN E 8 -44.13 36.11 -16.28
CA ASN E 8 -45.41 36.77 -16.54
C ASN E 8 -46.21 35.86 -17.47
N ARG E 9 -47.29 35.26 -16.96
CA ARG E 9 -48.03 34.37 -17.86
C ARG E 9 -48.96 35.12 -18.79
N ASN E 10 -49.07 36.45 -18.66
CA ASN E 10 -49.78 37.19 -19.68
C ASN E 10 -48.88 37.36 -20.88
N MET E 11 -47.57 37.40 -20.65
CA MET E 11 -46.62 37.54 -21.73
C MET E 11 -46.77 36.33 -22.65
N LYS E 12 -46.81 36.58 -23.94
CA LYS E 12 -46.94 35.51 -24.91
C LYS E 12 -45.80 35.43 -25.89
N HIS E 13 -44.99 36.47 -26.01
CA HIS E 13 -43.81 36.43 -26.84
C HIS E 13 -42.73 37.24 -26.18
N PRO E 14 -41.49 36.79 -26.26
CA PRO E 14 -40.36 37.61 -25.80
C PRO E 14 -40.26 38.91 -26.55
N GLN E 15 -39.32 39.77 -26.16
CA GLN E 15 -39.22 41.09 -26.76
C GLN E 15 -37.78 41.39 -27.11
N GLU E 16 -37.57 41.90 -28.33
CA GLU E 16 -36.27 41.97 -28.95
C GLU E 16 -35.39 43.04 -28.32
N GLY E 17 -34.23 42.61 -27.83
CA GLY E 17 -33.25 43.50 -27.21
C GLY E 17 -33.43 43.79 -25.75
N GLN E 18 -34.42 43.20 -25.11
CA GLN E 18 -34.78 43.37 -23.72
C GLN E 18 -34.62 42.07 -22.95
N PRO E 19 -34.39 42.14 -21.65
CA PRO E 19 -34.27 40.89 -20.88
C PRO E 19 -35.58 40.11 -20.89
N LEU E 20 -35.44 38.80 -20.90
CA LEU E 20 -36.57 37.88 -20.84
C LEU E 20 -36.36 36.99 -19.64
N GLU E 21 -37.32 36.97 -18.73
CA GLU E 21 -37.15 36.22 -17.50
C GLU E 21 -38.05 35.01 -17.58
N LEU E 22 -37.47 33.82 -17.51
CA LEU E 22 -38.29 32.64 -17.38
C LEU E 22 -38.13 32.11 -15.97
N GLU E 23 -39.04 31.22 -15.61
CA GLU E 23 -39.22 30.79 -14.24
C GLU E 23 -39.69 29.36 -14.26
N CYS E 24 -39.44 28.63 -13.19
CA CYS E 24 -39.59 27.19 -13.25
C CYS E 24 -40.09 26.68 -11.90
N MET E 25 -41.22 25.97 -11.95
CA MET E 25 -41.87 25.40 -10.77
C MET E 25 -41.56 23.91 -10.70
N PRO E 26 -40.60 23.49 -9.87
CA PRO E 26 -40.31 22.06 -9.72
C PRO E 26 -41.32 21.34 -8.84
N PHE E 27 -41.36 20.02 -9.03
CA PHE E 27 -42.13 19.14 -8.16
C PHE E 27 -41.61 19.18 -6.73
N ASN E 28 -40.31 19.32 -6.60
CA ASN E 28 -39.57 19.30 -5.36
C ASN E 28 -38.59 20.46 -5.43
N ILE E 29 -38.52 21.27 -4.38
CA ILE E 29 -37.72 22.46 -4.51
C ILE E 29 -36.47 22.36 -3.64
N ASP E 30 -36.18 21.14 -3.17
CA ASP E 30 -34.93 20.71 -2.57
C ASP E 30 -33.86 20.29 -3.60
N ASN E 31 -34.16 20.39 -4.89
CA ASN E 31 -33.22 20.01 -5.93
C ASN E 31 -32.99 21.17 -6.89
N GLY E 32 -31.79 21.21 -7.48
CA GLY E 32 -31.52 22.16 -8.54
C GLY E 32 -32.21 21.77 -9.84
N VAL E 33 -32.06 22.63 -10.84
CA VAL E 33 -32.59 22.38 -12.18
C VAL E 33 -31.55 22.78 -13.21
N SER E 34 -31.86 22.44 -14.46
CA SER E 34 -31.05 22.83 -15.60
C SER E 34 -31.96 23.46 -16.64
N TRP E 35 -31.54 24.61 -17.16
CA TRP E 35 -32.28 25.28 -18.21
C TRP E 35 -31.67 24.88 -19.55
N ILE E 36 -32.53 24.52 -20.50
CA ILE E 36 -32.08 24.20 -21.85
C ILE E 36 -32.96 24.96 -22.82
N ARG E 37 -32.44 25.14 -24.02
CA ARG E 37 -33.17 25.70 -25.14
C ARG E 37 -33.14 24.73 -26.31
N GLN E 38 -34.31 24.50 -26.92
CA GLN E 38 -34.43 23.73 -28.16
C GLN E 38 -34.61 24.70 -29.33
N ASP E 39 -33.74 24.55 -30.34
CA ASP E 39 -33.73 25.36 -31.56
C ASP E 39 -34.96 25.17 -32.44
N LYS E 40 -35.00 25.99 -33.50
CA LYS E 40 -35.83 25.69 -34.65
C LYS E 40 -35.45 24.35 -35.28
N ASP E 41 -34.15 24.07 -35.39
CA ASP E 41 -33.69 22.79 -35.95
C ASP E 41 -34.19 21.60 -35.15
N GLY E 42 -34.32 21.75 -33.83
CA GLY E 42 -34.56 20.65 -32.92
C GLY E 42 -33.37 20.34 -32.04
N LYS E 43 -32.24 21.01 -32.28
CA LYS E 43 -31.04 20.82 -31.49
C LYS E 43 -31.20 21.41 -30.09
N LEU E 44 -30.67 20.70 -29.10
CA LEU E 44 -30.78 21.09 -27.70
C LEU E 44 -29.48 21.73 -27.23
N HIS E 45 -29.60 22.79 -26.43
CA HIS E 45 -28.46 23.54 -25.92
C HIS E 45 -28.54 23.64 -24.41
N PHE E 46 -27.45 23.32 -23.73
CA PHE E 46 -27.35 23.52 -22.29
C PHE E 46 -27.03 24.97 -22.02
N ILE E 47 -27.78 25.59 -21.11
CA ILE E 47 -27.67 27.00 -20.81
C ILE E 47 -27.05 27.23 -19.45
N VAL E 48 -27.61 26.61 -18.41
CA VAL E 48 -27.15 26.83 -17.05
C VAL E 48 -27.73 25.78 -16.11
N TYR E 49 -26.99 25.46 -15.05
CA TYR E 49 -27.51 24.63 -13.97
C TYR E 49 -27.65 25.48 -12.70
N ILE E 50 -28.78 25.40 -12.00
CA ILE E 50 -28.98 26.16 -10.78
C ILE E 50 -29.14 25.19 -9.62
N SER E 51 -28.25 25.29 -8.63
CA SER E 51 -28.25 24.43 -7.47
C SER E 51 -29.28 24.89 -6.44
N PRO E 52 -29.62 24.04 -5.46
CA PRO E 52 -30.48 24.49 -4.36
C PRO E 52 -29.86 25.61 -3.53
N LEU E 53 -28.57 25.87 -3.69
CA LEU E 53 -27.90 26.99 -3.05
C LEU E 53 -27.98 28.25 -3.90
N SER E 54 -28.88 28.29 -4.87
CA SER E 54 -28.92 29.33 -5.88
C SER E 54 -27.53 29.55 -6.46
N ARG E 55 -26.84 28.44 -6.75
CA ARG E 55 -25.56 28.50 -7.46
C ARG E 55 -25.67 27.81 -8.81
N THR E 56 -25.21 28.50 -9.85
CA THR E 56 -25.41 28.03 -11.21
C THR E 56 -24.06 27.62 -11.80
N ALA E 57 -24.13 26.86 -12.88
CA ALA E 57 -22.96 26.31 -13.57
C ALA E 57 -23.18 26.53 -15.07
N PHE E 58 -22.30 27.30 -15.70
CA PHE E 58 -22.41 27.59 -17.11
C PHE E 58 -21.50 26.69 -17.95
N PRO E 59 -21.69 26.68 -19.29
CA PRO E 59 -20.89 25.79 -20.15
C PRO E 59 -19.37 25.91 -20.01
N ARG E 60 -18.70 24.84 -20.44
CA ARG E 60 -17.31 24.51 -20.12
C ARG E 60 -16.90 24.99 -18.72
N ASN E 61 -17.63 24.52 -17.72
CA ASN E 61 -17.26 24.62 -16.30
C ASN E 61 -17.00 26.05 -15.83
N GLU E 62 -18.01 26.90 -15.95
CA GLU E 62 -17.90 28.28 -15.54
C GLU E 62 -19.04 28.65 -14.60
N ARG E 63 -19.00 29.91 -14.16
CA ARG E 63 -20.05 30.57 -13.33
C ARG E 63 -20.02 32.05 -13.71
N THR E 64 -19.63 32.34 -14.95
CA THR E 64 -19.56 33.69 -15.47
C THR E 64 -20.31 33.75 -16.80
N SER E 65 -21.35 34.57 -16.87
CA SER E 65 -22.10 34.74 -18.11
C SER E 65 -22.38 36.21 -18.33
N SER E 66 -21.96 36.73 -19.49
CA SER E 66 -22.29 38.09 -19.90
C SER E 66 -23.64 38.16 -20.63
N GLN E 67 -24.31 37.02 -20.83
CA GLN E 67 -25.63 36.96 -21.46
C GLN E 67 -26.66 36.10 -20.71
N PHE E 68 -26.33 35.46 -19.58
CA PHE E 68 -27.39 34.76 -18.84
C PHE E 68 -27.25 35.01 -17.34
N GLU E 69 -28.37 34.87 -16.64
CA GLU E 69 -28.43 34.88 -15.18
C GLU E 69 -29.26 33.69 -14.72
N GLY E 70 -28.76 32.91 -13.77
CA GLY E 70 -29.55 31.89 -13.13
C GLY E 70 -29.58 32.10 -11.62
N SER E 71 -30.72 31.76 -11.01
CA SER E 71 -30.81 31.82 -9.55
C SER E 71 -32.12 31.17 -9.15
N LYS E 72 -32.25 30.78 -7.89
CA LYS E 72 -33.54 30.29 -7.39
C LYS E 72 -34.05 31.18 -6.27
N GLN E 73 -35.29 31.66 -6.45
CA GLN E 73 -35.93 32.58 -5.51
C GLN E 73 -37.33 32.13 -5.17
N GLY E 74 -37.68 32.32 -3.91
CA GLY E 74 -38.84 31.71 -3.29
C GLY E 74 -38.87 30.24 -3.59
N SER E 75 -40.01 29.75 -4.07
CA SER E 75 -40.13 28.35 -4.47
C SER E 75 -40.06 28.20 -5.99
N SER E 76 -39.14 28.90 -6.64
CA SER E 76 -39.06 28.85 -8.10
C SER E 76 -37.62 29.05 -8.54
N PHE E 77 -37.36 28.70 -9.80
CA PHE E 77 -36.06 28.89 -10.42
C PHE E 77 -36.17 29.94 -11.52
N ARG E 78 -35.09 30.68 -11.71
CA ARG E 78 -35.06 31.86 -12.56
C ARG E 78 -33.97 31.68 -13.60
N LEU E 79 -34.32 31.92 -14.85
CA LEU E 79 -33.37 32.08 -15.95
C LEU E 79 -33.63 33.46 -16.54
N VAL E 80 -32.58 34.23 -16.78
CA VAL E 80 -32.75 35.55 -17.36
C VAL E 80 -31.84 35.61 -18.56
N VAL E 81 -32.44 35.85 -19.73
CA VAL E 81 -31.68 36.21 -20.91
C VAL E 81 -31.52 37.72 -20.86
N LYS E 82 -30.29 38.17 -20.59
CA LYS E 82 -30.01 39.58 -20.34
C LYS E 82 -30.46 40.46 -21.48
N ASN E 83 -30.32 39.96 -22.69
CA ASN E 83 -30.62 40.69 -23.93
C ASN E 83 -31.09 39.63 -24.91
N PHE E 84 -32.40 39.49 -25.05
CA PHE E 84 -33.00 38.45 -25.87
C PHE E 84 -32.96 38.87 -27.33
N ARG E 85 -32.32 38.07 -28.16
CA ARG E 85 -32.09 38.45 -29.54
C ARG E 85 -32.80 37.40 -30.33
N ALA E 86 -32.74 37.48 -31.67
CA ALA E 86 -33.17 36.34 -32.49
C ALA E 86 -32.30 35.11 -32.22
N GLN E 87 -31.03 35.35 -31.87
CA GLN E 87 -30.08 34.29 -31.50
C GLN E 87 -30.57 33.41 -30.37
N ASP E 88 -31.44 33.92 -29.49
CA ASP E 88 -31.92 33.19 -28.32
C ASP E 88 -33.30 32.53 -28.49
N GLN E 89 -33.90 32.60 -29.67
CA GLN E 89 -35.24 32.03 -29.88
C GLN E 89 -35.25 30.51 -29.77
N GLY E 90 -36.35 29.98 -29.25
CA GLY E 90 -36.49 28.55 -29.10
C GLY E 90 -37.47 28.22 -27.99
N THR E 91 -37.58 26.92 -27.71
CA THR E 91 -38.43 26.45 -26.63
C THR E 91 -37.57 26.14 -25.41
N TYR E 92 -37.89 26.76 -24.28
CA TYR E 92 -37.08 26.63 -23.08
C TYR E 92 -37.66 25.55 -22.17
N PHE E 93 -36.82 24.59 -21.80
CA PHE E 93 -37.19 23.46 -20.96
C PHE E 93 -36.41 23.50 -19.64
N CYS E 94 -36.94 22.79 -18.65
CA CYS E 94 -36.31 22.58 -17.36
C CYS E 94 -36.07 21.09 -17.13
N ILE E 95 -34.93 20.76 -16.50
CA ILE E 95 -34.48 19.39 -16.35
C ILE E 95 -34.05 19.19 -14.90
N ALA E 96 -34.63 18.21 -14.23
CA ALA E 96 -34.24 17.84 -12.86
C ALA E 96 -33.61 16.46 -12.88
N ASN E 97 -32.38 16.35 -12.36
CA ASN E 97 -31.69 15.07 -12.24
C ASN E 97 -31.78 14.58 -10.79
N ILE E 98 -32.76 13.72 -10.50
CA ILE E 98 -32.93 13.17 -9.15
C ILE E 98 -32.78 11.66 -9.24
N ASN E 99 -31.82 11.11 -8.48
CA ASN E 99 -31.66 9.66 -8.34
C ASN E 99 -31.29 9.03 -9.68
N GLN E 100 -30.42 9.71 -10.42
CA GLN E 100 -29.99 9.36 -11.77
C GLN E 100 -31.12 9.35 -12.78
N MET E 101 -32.31 9.81 -12.41
CA MET E 101 -33.44 9.91 -13.32
C MET E 101 -33.69 11.37 -13.72
N LEU E 102 -34.16 11.55 -14.95
CA LEU E 102 -34.40 12.87 -15.52
C LEU E 102 -35.88 13.18 -15.55
N TYR E 103 -36.23 14.40 -15.15
CA TYR E 103 -37.59 14.90 -15.21
C TYR E 103 -37.60 16.17 -16.04
N PHE E 104 -38.56 16.29 -16.95
CA PHE E 104 -38.61 17.37 -17.90
C PHE E 104 -39.85 18.22 -17.64
N SER E 105 -39.65 19.53 -17.59
CA SER E 105 -40.81 20.37 -17.53
C SER E 105 -41.53 20.30 -18.88
N SER E 106 -42.73 20.88 -18.91
CA SER E 106 -43.53 20.91 -20.14
C SER E 106 -42.88 21.76 -21.24
N GLY E 107 -42.25 22.88 -20.88
CA GLY E 107 -41.60 23.75 -21.85
C GLY E 107 -42.35 24.99 -22.30
N GLN E 108 -41.61 26.09 -22.47
CA GLN E 108 -42.18 27.38 -22.86
C GLN E 108 -41.63 27.84 -24.21
N PRO E 109 -42.47 27.97 -25.25
CA PRO E 109 -41.99 28.56 -26.51
C PRO E 109 -41.64 30.04 -26.31
N ALA E 110 -40.54 30.47 -26.94
CA ALA E 110 -40.06 31.86 -26.87
C ALA E 110 -39.59 32.23 -28.28
N PHE E 111 -40.51 32.81 -29.04
CA PHE E 111 -40.25 33.29 -30.40
C PHE E 111 -40.88 34.66 -30.55
N PHE E 112 -40.30 35.48 -31.42
CA PHE E 112 -40.81 36.82 -31.65
C PHE E 112 -42.23 36.81 -32.20
N GLU F 1 3.30 6.19 25.70
CA GLU F 1 3.87 6.51 27.00
C GLU F 1 5.39 6.26 26.97
N LEU F 2 5.80 5.07 26.53
CA LEU F 2 7.21 4.70 26.53
C LEU F 2 7.96 5.38 25.40
N HIS F 3 9.13 5.94 25.72
CA HIS F 3 9.99 6.56 24.72
C HIS F 3 11.42 6.09 24.91
N THR F 4 12.12 5.87 23.79
CA THR F 4 13.49 5.41 23.83
C THR F 4 14.34 6.24 22.87
N LEU F 5 15.56 6.57 23.30
CA LEU F 5 16.59 7.13 22.43
C LEU F 5 17.81 6.23 22.54
N ARG F 6 18.28 5.71 21.41
CA ARG F 6 19.38 4.77 21.43
C ARG F 6 20.34 5.05 20.29
N TYR F 7 21.63 5.11 20.60
CA TYR F 7 22.68 5.16 19.60
C TYR F 7 23.48 3.87 19.64
N ILE F 8 23.70 3.27 18.47
CA ILE F 8 24.56 2.10 18.36
C ILE F 8 25.61 2.39 17.29
N SER F 9 26.73 1.68 17.40
CA SER F 9 27.85 1.89 16.50
C SER F 9 28.61 0.58 16.34
N THR F 10 29.11 0.37 15.13
CA THR F 10 29.88 -0.83 14.79
C THR F 10 31.08 -0.44 13.96
N ALA F 11 32.24 -0.88 14.39
CA ALA F 11 33.46 -0.83 13.59
C ALA F 11 33.89 -2.26 13.30
N MET F 12 34.32 -2.52 12.08
CA MET F 12 34.67 -3.89 11.71
C MET F 12 35.89 -3.90 10.81
N THR F 13 36.76 -4.89 11.04
CA THR F 13 37.93 -5.05 10.20
C THR F 13 37.55 -5.61 8.82
N ASP F 14 36.43 -6.34 8.72
CA ASP F 14 35.99 -6.94 7.47
C ASP F 14 34.53 -6.58 7.23
N PRO F 15 34.25 -5.37 6.73
CA PRO F 15 32.87 -4.95 6.52
C PRO F 15 32.17 -5.68 5.38
N GLY F 16 32.93 -6.26 4.46
CA GLY F 16 32.37 -7.00 3.37
C GLY F 16 32.40 -6.24 2.06
N PRO F 17 32.09 -6.93 0.98
CA PRO F 17 32.04 -6.29 -0.34
C PRO F 17 31.08 -5.10 -0.37
N GLY F 18 31.64 -3.91 -0.63
CA GLY F 18 30.82 -2.72 -0.81
C GLY F 18 30.37 -2.01 0.45
N GLN F 19 30.94 -2.33 1.61
CA GLN F 19 30.37 -1.90 2.87
C GLN F 19 31.33 -0.96 3.59
N PRO F 20 30.83 0.08 4.24
CA PRO F 20 31.70 0.89 5.11
C PRO F 20 32.03 0.17 6.40
N TRP F 21 33.24 0.40 6.91
CA TRP F 21 33.72 -0.34 8.07
C TRP F 21 33.18 0.22 9.38
N TYR F 22 32.88 1.51 9.44
CA TYR F 22 32.32 2.13 10.64
C TYR F 22 30.94 2.67 10.32
N VAL F 23 29.95 2.29 11.12
CA VAL F 23 28.58 2.75 10.97
C VAL F 23 27.97 2.99 12.35
N ASP F 24 27.49 4.22 12.59
CA ASP F 24 26.74 4.51 13.80
C ASP F 24 25.38 5.09 13.42
N VAL F 25 24.37 4.65 14.15
CA VAL F 25 22.98 4.99 13.85
C VAL F 25 22.24 5.31 15.13
N GLY F 26 21.25 6.19 15.02
CA GLY F 26 20.41 6.55 16.15
C GLY F 26 18.95 6.23 15.87
N TYR F 27 18.24 5.83 16.93
CA TYR F 27 16.84 5.46 16.85
C TYR F 27 16.07 6.19 17.94
N VAL F 28 14.89 6.70 17.57
CA VAL F 28 13.94 7.30 18.49
C VAL F 28 12.66 6.48 18.42
N ASP F 29 12.25 5.93 19.57
CA ASP F 29 11.07 5.07 19.66
C ASP F 29 11.13 3.98 18.58
N GLY F 30 12.32 3.40 18.40
CA GLY F 30 12.52 2.32 17.48
C GLY F 30 12.72 2.71 16.02
N GLU F 31 12.55 3.98 15.68
CA GLU F 31 12.63 4.43 14.30
C GLU F 31 13.97 5.10 14.05
N LEU F 32 14.68 4.64 13.02
CA LEU F 32 15.97 5.19 12.63
C LEU F 32 15.83 6.65 12.20
N PHE F 33 16.55 7.55 12.86
CA PHE F 33 16.43 8.96 12.55
C PHE F 33 17.74 9.65 12.20
N THR F 34 18.89 9.03 12.46
CA THR F 34 20.17 9.60 12.01
C THR F 34 21.15 8.49 11.71
N HIS F 35 22.14 8.80 10.86
CA HIS F 35 23.06 7.79 10.36
C HIS F 35 24.39 8.42 9.97
N TYR F 36 25.48 7.73 10.30
CA TYR F 36 26.82 8.13 9.90
C TYR F 36 27.63 6.89 9.56
N ASN F 37 28.56 7.04 8.60
CA ASN F 37 29.47 5.94 8.27
C ASN F 37 30.81 6.51 7.83
N SER F 38 31.83 5.65 7.83
CA SER F 38 33.19 6.09 7.58
C SER F 38 33.45 6.48 6.12
N THR F 39 32.52 6.18 5.21
CA THR F 39 32.60 6.55 3.80
C THR F 39 31.77 7.77 3.46
N ALA F 40 30.52 7.81 3.94
CA ALA F 40 29.59 8.90 3.62
C ALA F 40 30.07 10.23 4.14
N ARG F 41 30.84 10.22 5.23
CA ARG F 41 31.61 11.33 5.79
C ARG F 41 30.74 12.23 6.65
N ARG F 42 29.45 11.94 6.79
CA ARG F 42 28.46 12.92 7.23
C ARG F 42 27.43 12.31 8.16
N ALA F 43 27.16 12.97 9.29
CA ALA F 43 26.01 12.62 10.11
C ALA F 43 24.78 13.23 9.45
N VAL F 44 23.81 12.40 9.09
CA VAL F 44 22.72 12.88 8.25
C VAL F 44 21.36 12.53 8.84
N PRO F 45 20.32 13.32 8.56
CA PRO F 45 18.97 12.94 8.99
C PRO F 45 18.41 11.78 8.20
N ARG F 46 17.49 11.05 8.82
CA ARG F 46 16.87 9.88 8.20
C ARG F 46 15.34 9.89 8.28
N THR F 47 14.73 10.84 8.97
CA THR F 47 13.30 11.02 8.92
C THR F 47 13.00 12.46 8.54
N GLU F 48 11.73 12.71 8.23
CA GLU F 48 11.32 14.04 7.80
C GLU F 48 10.93 14.94 8.95
N TRP F 49 10.81 14.41 10.17
CA TRP F 49 10.57 15.28 11.31
C TRP F 49 11.85 15.76 11.98
N ILE F 50 12.97 15.05 11.80
CA ILE F 50 14.22 15.52 12.40
C ILE F 50 14.87 16.58 11.53
N ALA F 51 14.76 16.45 10.20
CA ALA F 51 15.35 17.46 9.33
C ALA F 51 14.61 18.80 9.44
N ALA F 52 13.28 18.77 9.50
CA ALA F 52 12.51 20.01 9.63
C ALA F 52 12.77 20.74 10.93
N ASN F 53 13.42 20.11 11.92
CA ASN F 53 13.69 20.75 13.20
C ASN F 53 15.18 20.78 13.53
N THR F 54 16.06 20.70 12.52
CA THR F 54 17.49 20.72 12.72
C THR F 54 18.14 21.60 11.67
N ASP F 55 19.12 22.36 12.11
CA ASP F 55 19.87 23.34 11.29
C ASP F 55 21.06 22.66 10.64
N GLN F 56 21.84 23.39 9.89
CA GLN F 56 23.07 22.80 9.38
C GLN F 56 24.09 22.49 10.47
N GLN F 57 24.14 23.33 11.51
CA GLN F 57 25.20 23.22 12.51
C GLN F 57 24.98 22.07 13.49
N TYR F 58 23.72 21.71 13.81
CA TYR F 58 23.48 20.48 14.55
C TYR F 58 24.13 19.30 13.84
N TRP F 59 23.95 19.22 12.52
CA TRP F 59 24.48 18.10 11.76
C TRP F 59 25.99 18.19 11.62
N ASP F 60 26.54 19.40 11.53
CA ASP F 60 27.99 19.51 11.48
C ASP F 60 28.64 19.09 12.81
N SER F 61 28.03 19.47 13.94
CA SER F 61 28.59 19.05 15.23
C SER F 61 28.43 17.55 15.44
N GLU F 62 27.29 16.99 15.02
CA GLU F 62 27.13 15.54 15.06
C GLU F 62 28.17 14.86 14.19
N THR F 63 28.54 15.48 13.07
CA THR F 63 29.58 14.92 12.20
C THR F 63 30.95 14.96 12.90
N GLN F 64 31.26 16.04 13.61
CA GLN F 64 32.52 16.10 14.35
C GLN F 64 32.57 15.02 15.43
N THR F 65 31.46 14.87 16.17
CA THR F 65 31.37 13.80 17.17
C THR F 65 31.59 12.44 16.54
N SER F 66 30.94 12.20 15.39
CA SER F 66 31.05 10.90 14.73
C SER F 66 32.46 10.65 14.22
N GLN F 67 33.17 11.69 13.77
CA GLN F 67 34.53 11.51 13.33
C GLN F 67 35.46 11.16 14.49
N ARG F 68 35.26 11.85 15.62
CA ARG F 68 36.04 11.50 16.81
C ARG F 68 35.81 10.05 17.22
N THR F 69 34.54 9.61 17.20
CA THR F 69 34.27 8.23 17.61
C THR F 69 34.74 7.22 16.56
N GLU F 70 34.74 7.60 15.28
CA GLU F 70 35.24 6.69 14.25
C GLU F 70 36.73 6.43 14.44
N GLN F 71 37.53 7.47 14.71
CA GLN F 71 38.94 7.17 14.89
C GLN F 71 39.21 6.59 16.27
N ILE F 72 38.35 6.87 17.26
CA ILE F 72 38.40 6.15 18.52
C ILE F 72 38.24 4.66 18.30
N ASP F 73 37.32 4.26 17.42
CA ASP F 73 37.06 2.85 17.18
C ASP F 73 38.10 2.22 16.25
N ARG F 74 38.67 3.01 15.35
CA ARG F 74 39.85 2.57 14.61
C ARG F 74 41.00 2.25 15.55
N ASP F 75 41.25 3.13 16.53
CA ASP F 75 42.24 2.86 17.57
C ASP F 75 41.86 1.63 18.39
N GLY F 76 40.58 1.52 18.77
CA GLY F 76 40.14 0.43 19.62
C GLY F 76 40.22 -0.93 18.95
N LEU F 77 39.98 -0.98 17.64
CA LEU F 77 40.12 -2.25 16.93
C LEU F 77 41.54 -2.77 17.03
N GLY F 78 42.52 -1.90 16.76
CA GLY F 78 43.91 -2.32 16.89
C GLY F 78 44.30 -2.63 18.32
N THR F 79 43.88 -1.78 19.26
CA THR F 79 44.20 -1.99 20.66
C THR F 79 43.68 -3.35 21.14
N LEU F 80 42.42 -3.66 20.84
CA LEU F 80 41.85 -4.92 21.30
C LEU F 80 42.41 -6.11 20.54
N GLN F 81 42.69 -5.95 19.25
CA GLN F 81 43.31 -7.02 18.48
C GLN F 81 44.66 -7.39 19.06
N ARG F 82 45.42 -6.40 19.53
CA ARG F 82 46.74 -6.70 20.08
C ARG F 82 46.71 -7.05 21.56
N ARG F 83 45.63 -6.71 22.27
CA ARG F 83 45.43 -7.24 23.61
C ARG F 83 45.08 -8.72 23.58
N TYR F 84 44.37 -9.18 22.54
CA TYR F 84 44.02 -10.58 22.40
C TYR F 84 45.08 -11.39 21.65
N ASN F 85 46.24 -10.78 21.37
CA ASN F 85 47.30 -11.42 20.59
C ASN F 85 46.74 -12.03 19.30
N GLN F 86 46.06 -11.18 18.55
CA GLN F 86 45.47 -11.54 17.28
C GLN F 86 46.16 -10.73 16.18
N THR F 87 46.40 -11.36 15.05
CA THR F 87 47.12 -10.69 13.98
C THR F 87 46.20 -10.41 12.79
N GLY F 88 45.15 -9.64 13.02
CA GLY F 88 44.26 -9.23 11.96
C GLY F 88 43.00 -10.08 11.93
N GLY F 89 42.29 -10.00 10.81
CA GLY F 89 41.16 -10.86 10.59
C GLY F 89 39.80 -10.22 10.75
N SER F 90 38.80 -11.03 11.10
CA SER F 90 37.43 -10.58 11.24
C SER F 90 37.16 -10.28 12.71
N HIS F 91 37.04 -9.00 13.04
CA HIS F 91 36.84 -8.57 14.40
C HIS F 91 35.90 -7.38 14.39
N THR F 92 35.15 -7.21 15.48
CA THR F 92 34.10 -6.21 15.51
C THR F 92 34.09 -5.51 16.86
N VAL F 93 34.00 -4.18 16.80
CA VAL F 93 33.74 -3.35 17.96
C VAL F 93 32.27 -2.94 17.86
N GLN F 94 31.51 -3.20 18.91
CA GLN F 94 30.13 -2.76 18.98
C GLN F 94 29.94 -1.92 20.23
N LEU F 95 29.12 -0.87 20.13
CA LEU F 95 28.79 -0.05 21.26
C LEU F 95 27.31 0.32 21.17
N MET F 96 26.62 0.32 22.30
CA MET F 96 25.26 0.83 22.31
C MET F 96 24.99 1.53 23.63
N TYR F 97 24.35 2.68 23.55
CA TYR F 97 24.04 3.48 24.72
C TYR F 97 22.75 4.24 24.45
N GLY F 98 22.18 4.77 25.52
CA GLY F 98 21.02 5.62 25.37
C GLY F 98 20.21 5.67 26.65
N CYS F 99 18.96 6.11 26.50
CA CYS F 99 18.08 6.31 27.63
C CYS F 99 16.66 5.96 27.25
N ASP F 100 15.88 5.61 28.26
CA ASP F 100 14.46 5.27 28.11
C ASP F 100 13.68 6.06 29.16
N ILE F 101 12.58 6.68 28.71
CA ILE F 101 11.56 7.26 29.58
C ILE F 101 10.42 6.26 29.63
N LEU F 102 10.22 5.67 30.80
CA LEU F 102 9.37 4.51 30.94
C LEU F 102 7.94 4.94 31.18
N GLU F 103 7.05 3.95 31.21
CA GLU F 103 5.62 4.23 31.26
C GLU F 103 5.15 4.67 32.64
N ASP F 104 5.93 4.41 33.68
CA ASP F 104 5.66 4.98 35.00
C ASP F 104 6.31 6.35 35.17
N GLY F 105 7.00 6.83 34.14
CA GLY F 105 7.59 8.15 34.17
C GLY F 105 9.02 8.21 34.66
N THR F 106 9.61 7.07 35.02
CA THR F 106 10.98 7.08 35.49
C THR F 106 11.94 6.96 34.32
N ILE F 107 13.20 7.25 34.61
CA ILE F 107 14.26 7.28 33.62
C ILE F 107 15.27 6.17 33.84
N ARG F 108 15.80 5.67 32.72
CA ARG F 108 16.83 4.66 32.70
C ARG F 108 17.87 5.00 31.65
N GLY F 109 19.12 4.73 31.93
CA GLY F 109 20.18 4.94 30.98
C GLY F 109 21.12 3.76 30.97
N TYR F 110 21.79 3.57 29.82
CA TYR F 110 22.67 2.41 29.66
C TYR F 110 23.77 2.73 28.66
N SER F 111 24.89 2.02 28.81
CA SER F 111 26.01 2.10 27.87
C SER F 111 26.84 0.83 28.01
N GLN F 112 27.14 0.21 26.88
CA GLN F 112 27.87 -1.05 26.91
C GLN F 112 28.59 -1.25 25.58
N ASP F 113 29.69 -2.01 25.65
CA ASP F 113 30.55 -2.26 24.51
C ASP F 113 30.84 -3.76 24.45
N ALA F 114 30.94 -4.27 23.22
CA ALA F 114 31.17 -5.67 22.94
C ALA F 114 32.33 -5.83 21.97
N TYR F 115 33.16 -6.84 22.22
CA TYR F 115 34.24 -7.23 21.32
C TYR F 115 33.93 -8.59 20.73
N ASP F 116 33.99 -8.68 19.39
CA ASP F 116 33.75 -9.94 18.68
C ASP F 116 32.39 -10.55 19.04
N GLY F 117 31.40 -9.68 19.26
CA GLY F 117 30.02 -10.13 19.49
C GLY F 117 29.74 -10.66 20.88
N ARG F 118 30.61 -10.40 21.84
CA ARG F 118 30.48 -10.87 23.21
C ARG F 118 30.63 -9.66 24.14
N ASP F 119 30.01 -9.73 25.32
CA ASP F 119 30.07 -8.62 26.28
C ASP F 119 31.52 -8.31 26.61
N PHE F 120 31.92 -7.04 26.43
CA PHE F 120 33.26 -6.60 26.77
C PHE F 120 33.27 -5.76 28.04
N ILE F 121 32.48 -4.68 28.07
CA ILE F 121 32.47 -3.83 29.26
C ILE F 121 31.14 -3.09 29.31
N ALA F 122 30.59 -2.97 30.51
CA ALA F 122 29.33 -2.26 30.69
C ALA F 122 29.50 -1.16 31.71
N PHE F 123 28.60 -0.19 31.69
CA PHE F 123 28.63 0.91 32.63
C PHE F 123 27.69 0.61 33.78
N ASP F 124 28.23 0.54 34.99
CA ASP F 124 27.41 0.65 36.19
C ASP F 124 27.39 2.15 36.52
N LYS F 125 26.52 2.88 35.78
CA LYS F 125 26.29 4.31 35.97
C LYS F 125 26.16 4.71 37.43
N ASP F 126 25.32 3.99 38.15
CA ASP F 126 25.00 4.41 39.51
C ASP F 126 26.23 4.38 40.40
N THR F 127 26.95 3.25 40.40
CA THR F 127 28.22 3.23 41.11
C THR F 127 29.26 4.07 40.39
N MET F 128 28.94 4.58 39.20
CA MET F 128 29.92 5.20 38.30
C MET F 128 31.18 4.36 38.19
N THR F 129 31.00 3.08 37.87
CA THR F 129 32.12 2.21 37.62
C THR F 129 31.89 1.49 36.31
N PHE F 130 32.92 0.80 35.83
CA PHE F 130 32.83 0.07 34.57
C PHE F 130 33.09 -1.39 34.87
N THR F 131 32.05 -2.21 34.72
CA THR F 131 32.16 -3.63 35.00
C THR F 131 32.72 -4.33 33.77
N ALA F 132 33.88 -4.97 33.94
CA ALA F 132 34.55 -5.71 32.89
C ALA F 132 33.98 -7.12 32.83
N ALA F 133 33.67 -7.58 31.62
CA ALA F 133 33.16 -8.94 31.45
C ALA F 133 34.25 -9.95 31.19
N VAL F 134 35.40 -9.52 30.66
CA VAL F 134 36.52 -10.40 30.37
C VAL F 134 37.78 -9.75 30.92
N PRO F 135 38.82 -10.54 31.21
CA PRO F 135 40.08 -9.96 31.70
C PRO F 135 40.63 -8.85 30.83
N GLU F 136 40.52 -8.99 29.50
CA GLU F 136 41.06 -7.98 28.59
C GLU F 136 40.38 -6.64 28.72
N ALA F 137 39.29 -6.54 29.47
CA ALA F 137 38.60 -5.28 29.73
C ALA F 137 39.00 -4.63 31.04
N VAL F 138 39.75 -5.35 31.89
CA VAL F 138 40.31 -4.70 33.09
C VAL F 138 41.19 -3.53 32.74
N PRO F 139 42.08 -3.60 31.74
CA PRO F 139 42.85 -2.41 31.38
C PRO F 139 42.00 -1.21 31.01
N THR F 140 41.11 -1.37 30.01
CA THR F 140 40.29 -0.25 29.59
C THR F 140 39.49 0.30 30.76
N LYS F 141 38.95 -0.59 31.61
CA LYS F 141 38.26 -0.13 32.81
C LYS F 141 39.12 0.87 33.56
N ARG F 142 40.36 0.49 33.86
CA ARG F 142 41.26 1.43 34.54
C ARG F 142 41.36 2.73 33.77
N LYS F 143 41.64 2.65 32.47
CA LYS F 143 41.75 3.86 31.65
C LYS F 143 40.48 4.69 31.71
N TRP F 144 39.33 4.05 31.86
CA TRP F 144 38.06 4.74 31.89
C TRP F 144 37.65 5.24 33.28
N GLU F 145 38.34 4.82 34.35
CA GLU F 145 37.96 5.25 35.69
C GLU F 145 38.84 6.36 36.23
N GLU F 146 39.64 6.99 35.38
CA GLU F 146 40.46 8.15 35.72
C GLU F 146 39.98 9.38 34.95
N GLY F 147 40.07 10.55 35.57
CA GLY F 147 39.58 11.76 34.93
C GLY F 147 38.08 11.97 35.08
N ASP F 148 37.47 12.60 34.07
CA ASP F 148 36.08 13.01 34.15
C ASP F 148 35.14 12.14 33.33
N TYR F 149 35.61 11.01 32.80
CA TYR F 149 34.79 10.22 31.89
C TYR F 149 33.56 9.62 32.57
N ALA F 150 33.72 9.08 33.79
CA ALA F 150 32.60 8.37 34.43
C ALA F 150 31.45 9.32 34.78
N GLU F 151 31.76 10.45 35.41
CA GLU F 151 30.68 11.35 35.77
C GLU F 151 30.09 12.05 34.56
N GLY F 152 30.92 12.33 33.55
CA GLY F 152 30.40 12.87 32.30
C GLY F 152 29.43 11.91 31.63
N LEU F 153 29.74 10.62 31.67
CA LEU F 153 28.80 9.64 31.14
C LEU F 153 27.53 9.55 31.99
N LYS F 154 27.68 9.61 33.33
CA LYS F 154 26.51 9.69 34.21
C LYS F 154 25.57 10.76 33.71
N GLN F 155 26.13 11.96 33.59
CA GLN F 155 25.37 13.17 33.28
C GLN F 155 24.81 13.15 31.88
N TYR F 156 25.54 12.58 30.92
CA TYR F 156 25.00 12.51 29.58
C TYR F 156 23.81 11.57 29.52
N LEU F 157 24.00 10.34 30.01
CA LEU F 157 22.93 9.35 29.88
C LEU F 157 21.75 9.65 30.79
N GLU F 158 21.94 10.50 31.78
CA GLU F 158 20.82 10.85 32.63
C GLU F 158 20.28 12.23 32.34
N GLU F 159 21.07 13.16 31.80
CA GLU F 159 20.58 14.52 31.60
C GLU F 159 20.53 14.90 30.12
N THR F 160 21.66 14.93 29.40
CA THR F 160 21.63 15.31 28.00
C THR F 160 20.70 14.38 27.20
N CYS F 161 20.84 13.07 27.43
CA CYS F 161 20.07 12.08 26.68
C CYS F 161 18.58 12.30 26.82
N VAL F 162 18.10 12.50 28.05
CA VAL F 162 16.65 12.55 28.26
C VAL F 162 16.09 13.85 27.70
N GLU F 163 16.84 14.95 27.77
CA GLU F 163 16.31 16.19 27.22
C GLU F 163 16.28 16.16 25.70
N TRP F 164 17.30 15.57 25.10
CA TRP F 164 17.23 15.41 23.65
C TRP F 164 16.14 14.42 23.26
N LEU F 165 15.93 13.40 24.08
CA LEU F 165 14.80 12.49 23.86
C LEU F 165 13.48 13.24 23.85
N ARG F 166 13.25 14.06 24.89
CA ARG F 166 12.02 14.84 24.96
C ARG F 166 11.85 15.74 23.74
N ARG F 167 12.94 16.40 23.32
CA ARG F 167 12.85 17.28 22.16
C ARG F 167 12.57 16.50 20.88
N TYR F 168 13.17 15.32 20.71
CA TYR F 168 12.92 14.52 19.51
C TYR F 168 11.48 14.01 19.48
N VAL F 169 10.97 13.54 20.62
CA VAL F 169 9.59 13.04 20.62
C VAL F 169 8.63 14.20 20.37
N GLU F 170 8.98 15.40 20.84
CA GLU F 170 8.16 16.55 20.49
C GLU F 170 8.24 16.84 19.00
N TYR F 171 9.43 16.67 18.41
CA TYR F 171 9.60 16.92 16.98
C TYR F 171 8.71 16.03 16.13
N GLY F 172 8.65 14.74 16.45
CA GLY F 172 7.92 13.82 15.61
C GLY F 172 6.66 13.23 16.21
N LYS F 173 5.98 13.99 17.07
CA LYS F 173 4.81 13.44 17.77
C LYS F 173 3.76 12.92 16.79
N ALA F 174 3.55 13.64 15.67
CA ALA F 174 2.55 13.20 14.70
C ALA F 174 2.98 11.92 14.02
N GLU F 175 4.26 11.82 13.67
CA GLU F 175 4.77 10.63 12.99
C GLU F 175 4.97 9.48 13.98
N LEU F 176 5.46 9.77 15.19
CA LEU F 176 5.69 8.71 16.16
C LEU F 176 4.40 8.22 16.78
N GLY F 177 3.40 9.09 16.93
CA GLY F 177 2.08 8.72 17.39
C GLY F 177 1.16 8.20 16.31
N ARG F 178 1.69 8.01 15.11
CA ARG F 178 0.95 7.48 13.98
C ARG F 178 0.43 6.08 14.27
N ARG F 179 -0.57 5.66 13.49
CA ARG F 179 -1.22 4.37 13.66
C ARG F 179 -1.52 3.78 12.30
N GLU F 180 -0.95 2.61 12.01
CA GLU F 180 -1.23 1.90 10.77
C GLU F 180 -1.79 0.53 11.07
N ARG F 181 -2.94 0.22 10.45
CA ARG F 181 -3.65 -1.03 10.59
C ARG F 181 -2.93 -2.12 9.81
N PRO F 182 -2.60 -3.26 10.39
CA PRO F 182 -1.98 -4.31 9.59
C PRO F 182 -3.01 -5.02 8.74
N GLU F 183 -2.59 -5.45 7.57
CA GLU F 183 -3.42 -6.34 6.77
C GLU F 183 -3.09 -7.79 7.11
N VAL F 184 -4.11 -8.54 7.53
CA VAL F 184 -3.93 -9.91 7.99
C VAL F 184 -4.36 -10.86 6.89
N ARG F 185 -3.50 -11.83 6.58
CA ARG F 185 -3.84 -12.92 5.68
C ARG F 185 -3.59 -14.25 6.38
N VAL F 186 -4.59 -15.14 6.32
CA VAL F 186 -4.47 -16.49 6.84
C VAL F 186 -4.39 -17.46 5.65
N TRP F 187 -3.30 -18.21 5.57
CA TRP F 187 -3.09 -19.20 4.54
C TRP F 187 -2.81 -20.56 5.17
N GLY F 188 -2.88 -21.61 4.36
CA GLY F 188 -2.61 -22.94 4.87
C GLY F 188 -2.10 -23.91 3.83
N LYS F 189 -1.09 -24.73 4.17
CA LYS F 189 -0.69 -25.74 3.21
C LYS F 189 -0.51 -27.08 3.91
N GLU F 190 -0.86 -28.15 3.20
CA GLU F 190 -0.80 -29.52 3.71
C GLU F 190 0.37 -30.25 3.07
N ALA F 191 1.21 -30.86 3.91
CA ALA F 191 2.45 -31.44 3.46
C ALA F 191 2.25 -33.05 3.53
N ASP F 192 2.58 -33.64 4.65
CA ASP F 192 2.53 -35.11 4.74
C ASP F 192 1.45 -35.55 5.72
N GLY F 193 0.21 -35.20 5.42
CA GLY F 193 -0.90 -35.41 6.33
C GLY F 193 -1.02 -34.32 7.36
N ILE F 194 -0.08 -33.37 7.36
CA ILE F 194 -0.08 -32.24 8.28
C ILE F 194 -0.49 -30.98 7.51
N LEU F 195 -1.57 -30.35 7.94
CA LEU F 195 -1.93 -29.03 7.46
C LEU F 195 -1.36 -28.02 8.44
N THR F 196 -0.63 -27.06 7.92
CA THR F 196 -0.03 -26.02 8.74
C THR F 196 -0.59 -24.67 8.32
N LEU F 197 -1.05 -23.92 9.33
CA LEU F 197 -1.69 -22.63 9.17
C LEU F 197 -0.66 -21.52 9.37
N SER F 198 -0.61 -20.59 8.43
CA SER F 198 0.18 -19.37 8.50
C SER F 198 -0.75 -18.19 8.69
N CYS F 199 -0.35 -17.26 9.56
CA CYS F 199 -1.05 -15.99 9.76
C CYS F 199 -0.02 -14.88 9.64
N ARG F 200 -0.23 -13.96 8.71
CA ARG F 200 0.73 -12.88 8.47
C ARG F 200 0.04 -11.53 8.63
N ALA F 201 0.66 -10.65 9.39
CA ALA F 201 0.24 -9.27 9.54
C ALA F 201 1.27 -8.42 8.81
N HIS F 202 0.81 -7.69 7.80
CA HIS F 202 1.66 -6.84 6.97
C HIS F 202 1.43 -5.39 7.38
N GLY F 203 2.52 -4.63 7.45
CA GLY F 203 2.43 -3.19 7.55
C GLY F 203 1.69 -2.61 8.74
N PHE F 204 2.18 -2.87 9.95
CA PHE F 204 1.60 -2.26 11.13
C PHE F 204 2.61 -1.30 11.78
N TYR F 205 2.05 -0.34 12.52
CA TYR F 205 2.84 0.62 13.28
C TYR F 205 1.96 1.12 14.41
N PRO F 206 2.46 1.20 15.65
CA PRO F 206 3.86 0.93 16.01
C PRO F 206 4.15 -0.56 16.08
N ARG F 207 5.39 -0.89 16.48
CA ARG F 207 5.91 -2.24 16.50
C ARG F 207 5.25 -3.17 17.51
N PRO F 208 4.90 -2.72 18.73
CA PRO F 208 4.29 -3.64 19.70
C PRO F 208 3.03 -4.29 19.15
N ILE F 209 3.08 -5.62 19.00
CA ILE F 209 1.96 -6.39 18.49
C ILE F 209 1.93 -7.75 19.19
N ALA F 210 0.74 -8.34 19.24
CA ALA F 210 0.56 -9.66 19.84
C ALA F 210 -0.27 -10.52 18.89
N VAL F 211 0.36 -11.47 18.23
CA VAL F 211 -0.33 -12.37 17.30
C VAL F 211 -0.33 -13.77 17.90
N SER F 212 -1.51 -14.38 18.00
CA SER F 212 -1.64 -15.69 18.61
C SER F 212 -2.61 -16.56 17.83
N TRP F 213 -2.37 -17.87 17.87
CA TRP F 213 -3.33 -18.85 17.37
C TRP F 213 -4.17 -19.34 18.54
N LEU F 214 -5.45 -19.58 18.27
CA LEU F 214 -6.36 -20.07 19.28
C LEU F 214 -7.09 -21.30 18.77
N LYS F 215 -7.17 -22.33 19.63
CA LYS F 215 -7.84 -23.60 19.33
C LYS F 215 -9.12 -23.69 20.15
N ASP F 216 -10.25 -23.82 19.45
CA ASP F 216 -11.59 -23.74 20.03
C ASP F 216 -11.66 -22.65 21.11
N GLY F 217 -11.17 -21.47 20.76
CA GLY F 217 -11.32 -20.31 21.61
C GLY F 217 -10.20 -20.09 22.61
N ALA F 218 -9.31 -21.07 22.78
CA ALA F 218 -8.29 -21.05 23.82
C ALA F 218 -6.90 -20.86 23.21
N VAL F 219 -6.06 -20.10 23.91
CA VAL F 219 -4.76 -19.71 23.36
C VAL F 219 -3.84 -20.92 23.24
N GLN F 220 -3.21 -21.05 22.07
CA GLN F 220 -2.26 -22.12 21.76
C GLN F 220 -0.85 -21.62 22.05
N GLY F 221 -0.52 -21.61 23.35
CA GLY F 221 0.80 -21.19 23.81
C GLY F 221 2.02 -21.69 23.08
N GLN F 222 2.25 -23.01 23.05
CA GLN F 222 3.54 -23.54 22.64
C GLN F 222 3.58 -24.21 21.28
N ASP F 223 2.49 -24.17 20.52
CA ASP F 223 2.50 -24.85 19.23
C ASP F 223 2.60 -23.90 18.05
N ALA F 224 2.42 -22.59 18.27
CA ALA F 224 2.59 -21.63 17.20
C ALA F 224 4.06 -21.25 17.09
N GLN F 225 4.58 -21.22 15.87
CA GLN F 225 5.94 -20.77 15.64
C GLN F 225 5.93 -19.46 14.87
N SER F 226 6.81 -18.56 15.29
CA SER F 226 6.81 -17.18 14.85
C SER F 226 8.20 -16.78 14.36
N GLY F 227 8.24 -15.91 13.38
CA GLY F 227 9.46 -15.29 12.92
C GLY F 227 9.80 -14.00 13.65
N GLY F 228 9.08 -13.67 14.71
CA GLY F 228 9.29 -12.41 15.39
C GLY F 228 8.68 -11.25 14.62
N ILE F 229 9.06 -10.04 15.03
CA ILE F 229 8.63 -8.82 14.37
C ILE F 229 9.75 -8.37 13.44
N VAL F 230 9.47 -8.33 12.15
CA VAL F 230 10.50 -8.02 11.15
C VAL F 230 10.14 -6.70 10.47
N PRO F 231 11.12 -5.95 9.97
CA PRO F 231 10.82 -4.63 9.42
C PRO F 231 10.53 -4.66 7.92
N ASN F 232 9.65 -3.74 7.52
CA ASN F 232 9.42 -3.42 6.13
C ASN F 232 10.33 -2.27 5.69
N GLY F 233 10.41 -2.05 4.39
CA GLY F 233 11.30 -1.02 3.90
C GLY F 233 10.84 0.41 4.05
N ASP F 234 9.75 0.67 4.78
CA ASP F 234 9.19 2.01 4.80
C ASP F 234 8.72 2.43 6.20
N GLY F 235 9.30 1.86 7.26
CA GLY F 235 8.99 2.25 8.63
C GLY F 235 7.87 1.52 9.34
N THR F 236 7.23 0.53 8.73
CA THR F 236 6.27 -0.32 9.41
C THR F 236 6.84 -1.73 9.55
N TYR F 237 6.02 -2.63 10.10
CA TYR F 237 6.49 -3.93 10.52
C TYR F 237 5.57 -5.04 10.04
N HIS F 238 6.11 -6.26 10.13
CA HIS F 238 5.48 -7.47 9.63
C HIS F 238 5.69 -8.56 10.67
N THR F 239 4.78 -9.53 10.71
CA THR F 239 5.06 -10.73 11.47
C THR F 239 4.22 -11.89 10.96
N TRP F 240 4.76 -13.10 11.10
CA TRP F 240 4.05 -14.30 10.70
C TRP F 240 4.16 -15.37 11.77
N VAL F 241 3.06 -16.09 11.98
CA VAL F 241 3.00 -17.16 12.97
C VAL F 241 2.34 -18.36 12.33
N THR F 242 3.00 -19.51 12.43
CA THR F 242 2.45 -20.75 11.90
C THR F 242 2.10 -21.68 13.06
N ILE F 243 1.25 -22.66 12.76
CA ILE F 243 0.86 -23.68 13.73
C ILE F 243 0.51 -24.94 12.96
N ASP F 244 0.74 -26.09 13.59
CA ASP F 244 0.49 -27.36 12.93
C ASP F 244 -0.77 -28.04 13.44
N ALA F 245 -1.42 -28.78 12.55
CA ALA F 245 -2.57 -29.61 12.88
C ALA F 245 -2.68 -30.59 11.73
N GLN F 246 -3.46 -31.65 11.93
CA GLN F 246 -3.84 -32.53 10.81
C GLN F 246 -5.25 -32.23 10.29
N PRO F 247 -5.48 -32.39 8.96
CA PRO F 247 -6.68 -31.82 8.31
C PRO F 247 -8.04 -32.33 8.82
N GLY F 248 -9.01 -31.41 8.83
CA GLY F 248 -10.31 -31.59 9.44
C GLY F 248 -10.49 -30.70 10.64
N ASP F 249 -9.38 -30.40 11.34
CA ASP F 249 -9.33 -29.38 12.38
C ASP F 249 -8.94 -28.01 11.83
N GLY F 250 -9.01 -27.80 10.51
CA GLY F 250 -8.51 -26.56 9.94
C GLY F 250 -9.35 -25.35 10.32
N ASP F 251 -10.64 -25.56 10.55
CA ASP F 251 -11.53 -24.47 10.95
C ASP F 251 -11.58 -24.26 12.47
N LYS F 252 -10.74 -24.93 13.25
CA LYS F 252 -10.78 -24.72 14.70
C LYS F 252 -9.89 -23.58 15.14
N TYR F 253 -9.07 -23.06 14.25
CA TYR F 253 -8.05 -22.11 14.63
C TYR F 253 -8.46 -20.70 14.26
N GLN F 254 -8.16 -19.77 15.16
CA GLN F 254 -8.41 -18.37 14.90
C GLN F 254 -7.12 -17.62 15.16
N CYS F 255 -6.76 -16.73 14.23
CA CYS F 255 -5.63 -15.84 14.44
C CYS F 255 -6.14 -14.58 15.12
N ARG F 256 -5.59 -14.28 16.30
CA ARG F 256 -5.95 -13.12 17.09
C ARG F 256 -4.80 -12.12 17.04
N VAL F 257 -5.11 -10.89 16.65
CA VAL F 257 -4.12 -9.83 16.51
C VAL F 257 -4.50 -8.70 17.47
N GLU F 258 -3.58 -8.38 18.36
CA GLU F 258 -3.72 -7.26 19.29
C GLU F 258 -2.70 -6.20 18.86
N HIS F 259 -3.20 -4.99 18.59
CA HIS F 259 -2.35 -3.89 18.13
C HIS F 259 -3.02 -2.58 18.50
N ALA F 260 -2.20 -1.54 18.69
CA ALA F 260 -2.72 -0.25 19.14
C ALA F 260 -3.69 0.35 18.12
N SER F 261 -3.49 0.05 16.84
CA SER F 261 -4.36 0.58 15.80
C SER F 261 -5.67 -0.19 15.68
N LEU F 262 -5.99 -1.05 16.64
CA LEU F 262 -7.23 -1.83 16.64
C LEU F 262 -7.95 -1.61 17.97
N PRO F 263 -9.12 -0.95 18.02
CA PRO F 263 -9.82 -0.84 19.32
C PRO F 263 -10.27 -2.19 19.84
N GLN F 264 -10.44 -3.17 18.96
CA GLN F 264 -10.76 -4.53 19.34
C GLN F 264 -9.84 -5.49 18.63
N PRO F 265 -9.42 -6.58 19.31
CA PRO F 265 -8.51 -7.54 18.68
C PRO F 265 -9.14 -8.15 17.44
N GLY F 266 -8.31 -8.31 16.39
CA GLY F 266 -8.78 -8.86 15.14
C GLY F 266 -8.78 -10.37 15.16
N LEU F 267 -9.89 -10.98 14.74
CA LEU F 267 -10.04 -12.42 14.67
C LEU F 267 -10.21 -12.83 13.22
N TYR F 268 -9.32 -13.71 12.74
CA TYR F 268 -9.34 -14.09 11.34
C TYR F 268 -9.22 -15.61 11.21
N SER F 269 -9.82 -16.15 10.15
CA SER F 269 -9.89 -17.59 9.91
C SER F 269 -9.35 -17.91 8.54
N TRP F 270 -9.15 -19.20 8.30
CA TRP F 270 -8.63 -19.70 7.04
C TRP F 270 -9.72 -19.76 5.96
N LEU G 1 27.31 -16.23 14.30
CA LEU G 1 26.45 -17.40 14.13
C LEU G 1 25.69 -17.37 12.81
N THR G 2 24.88 -18.40 12.54
CA THR G 2 24.22 -18.49 11.26
C THR G 2 23.05 -17.51 11.16
N PRO G 3 22.81 -16.96 9.97
CA PRO G 3 21.68 -16.04 9.76
C PRO G 3 20.37 -16.78 9.66
N LYS G 4 19.30 -16.13 10.12
CA LYS G 4 17.97 -16.66 9.91
C LYS G 4 17.17 -15.67 9.10
N VAL G 5 16.61 -16.20 8.03
CA VAL G 5 16.17 -15.48 6.86
C VAL G 5 14.67 -15.67 6.68
N GLN G 6 13.98 -14.58 6.41
CA GLN G 6 12.56 -14.60 6.09
C GLN G 6 12.30 -13.79 4.83
N VAL G 7 11.46 -14.33 3.96
CA VAL G 7 11.12 -13.70 2.67
C VAL G 7 9.62 -13.44 2.68
N TYR G 8 9.24 -12.17 2.50
CA TYR G 8 7.84 -11.78 2.62
C TYR G 8 7.62 -10.50 1.81
N SER G 9 6.37 -10.28 1.43
CA SER G 9 5.99 -9.09 0.67
C SER G 9 5.46 -7.98 1.55
N ARG G 10 5.43 -6.84 0.97
CA ARG G 10 5.14 -5.71 1.78
C ARG G 10 3.61 -5.63 2.01
N PHE G 11 2.82 -6.03 1.01
CA PHE G 11 1.39 -6.27 1.09
C PHE G 11 1.06 -7.74 0.78
N PRO G 12 -0.10 -8.21 1.23
CA PRO G 12 -0.58 -9.53 0.79
C PRO G 12 -0.61 -9.62 -0.73
N ALA G 13 0.07 -10.63 -1.28
CA ALA G 13 0.35 -10.67 -2.71
C ALA G 13 -0.90 -10.98 -3.54
N SER G 14 -1.00 -10.33 -4.68
CA SER G 14 -1.93 -10.69 -5.74
C SER G 14 -1.21 -10.51 -7.07
N ALA G 15 -1.33 -11.49 -7.95
CA ALA G 15 -0.67 -11.41 -9.24
C ALA G 15 -1.17 -10.19 -10.01
N GLY G 16 -0.24 -9.32 -10.43
CA GLY G 16 -0.56 -8.13 -11.16
C GLY G 16 -0.58 -6.87 -10.32
N THR G 17 -0.73 -7.00 -9.02
CA THR G 17 -0.72 -5.86 -8.11
C THR G 17 0.72 -5.58 -7.69
N LYS G 18 1.10 -4.30 -7.71
CA LYS G 18 2.46 -3.93 -7.38
C LYS G 18 2.69 -4.12 -5.89
N ASN G 19 3.94 -4.41 -5.53
CA ASN G 19 4.27 -4.83 -4.18
C ASN G 19 5.76 -4.61 -3.96
N VAL G 20 6.22 -4.92 -2.77
CA VAL G 20 7.65 -4.91 -2.45
C VAL G 20 8.00 -6.24 -1.82
N LEU G 21 9.07 -6.88 -2.30
CA LEU G 21 9.56 -8.11 -1.70
C LEU G 21 10.73 -7.79 -0.77
N ASN G 22 10.68 -8.35 0.43
CA ASN G 22 11.65 -8.14 1.48
C ASN G 22 12.27 -9.47 1.89
N CYS G 23 13.56 -9.42 2.12
CA CYS G 23 14.34 -10.54 2.64
C CYS G 23 15.09 -10.00 3.84
N PHE G 24 14.72 -10.49 5.02
CA PHE G 24 15.30 -10.02 6.27
C PHE G 24 16.14 -11.13 6.87
N ALA G 25 17.39 -10.82 7.19
CA ALA G 25 18.32 -11.76 7.81
C ALA G 25 18.71 -11.23 9.17
N ALA G 26 18.64 -12.08 10.19
CA ALA G 26 18.90 -11.65 11.56
C ALA G 26 19.71 -12.70 12.30
N GLY G 27 20.29 -12.27 13.41
CA GLY G 27 20.92 -13.18 14.35
C GLY G 27 22.21 -13.80 13.87
N PHE G 28 22.99 -13.07 13.08
CA PHE G 28 24.22 -13.59 12.51
C PHE G 28 25.42 -12.78 12.99
N HIS G 29 26.59 -13.34 12.74
CA HIS G 29 27.88 -12.75 13.10
C HIS G 29 28.96 -13.58 12.43
N PRO G 30 29.99 -12.95 11.83
CA PRO G 30 30.34 -11.53 11.66
C PRO G 30 29.36 -10.75 10.77
N PRO G 31 29.50 -9.42 10.75
CA PRO G 31 28.55 -8.60 9.98
C PRO G 31 28.58 -8.84 8.48
N LYS G 32 29.72 -9.27 7.93
CA LYS G 32 29.83 -9.51 6.50
C LYS G 32 28.78 -10.51 6.06
N ILE G 33 27.99 -10.14 5.05
CA ILE G 33 26.88 -10.98 4.62
C ILE G 33 26.55 -10.60 3.17
N SER G 34 26.08 -11.59 2.42
CA SER G 34 25.62 -11.35 1.05
C SER G 34 24.17 -11.79 0.95
N ILE G 35 23.32 -10.89 0.49
CA ILE G 35 21.89 -11.12 0.36
C ILE G 35 21.45 -10.63 -1.02
N THR G 36 20.77 -11.48 -1.77
CA THR G 36 20.40 -11.13 -3.13
C THR G 36 18.96 -11.57 -3.42
N LEU G 37 18.14 -10.63 -3.87
CA LEU G 37 16.79 -10.96 -4.30
C LEU G 37 16.82 -11.50 -5.72
N MET G 38 16.10 -12.59 -5.97
CA MET G 38 16.13 -13.25 -7.25
C MET G 38 14.72 -13.48 -7.77
N LYS G 39 14.56 -13.30 -9.08
CA LYS G 39 13.37 -13.72 -9.80
C LYS G 39 13.80 -14.75 -10.84
N ASP G 40 13.24 -15.95 -10.75
CA ASP G 40 13.58 -17.05 -11.65
C ASP G 40 15.09 -17.23 -11.75
N GLY G 41 15.75 -17.28 -10.60
CA GLY G 41 17.19 -17.47 -10.51
C GLY G 41 18.02 -16.29 -10.95
N VAL G 42 17.40 -15.19 -11.37
CA VAL G 42 18.12 -14.01 -11.84
C VAL G 42 17.97 -12.89 -10.82
N PRO G 43 19.04 -12.16 -10.50
CA PRO G 43 18.92 -11.08 -9.51
C PRO G 43 17.98 -9.97 -9.97
N MET G 44 17.08 -9.58 -9.09
CA MET G 44 16.19 -8.45 -9.32
C MET G 44 16.93 -7.13 -9.17
N GLU G 45 16.49 -6.13 -9.92
CA GLU G 45 17.10 -4.81 -9.87
C GLU G 45 16.15 -3.82 -9.18
N GLY G 46 16.72 -2.72 -8.72
CA GLY G 46 16.00 -1.84 -7.83
C GLY G 46 16.00 -2.33 -6.40
N ALA G 47 17.00 -3.10 -6.02
CA ALA G 47 17.10 -3.64 -4.67
C ALA G 47 17.80 -2.63 -3.76
N GLN G 48 17.38 -2.60 -2.50
CA GLN G 48 17.90 -1.67 -1.52
C GLN G 48 18.27 -2.44 -0.26
N TYR G 49 19.40 -2.04 0.34
CA TYR G 49 19.99 -2.71 1.50
C TYR G 49 19.99 -1.77 2.68
N SER G 50 19.31 -2.17 3.76
CA SER G 50 19.39 -1.38 4.99
C SER G 50 20.82 -1.30 5.49
N ASP G 51 21.12 -0.24 6.22
CA ASP G 51 22.45 -0.06 6.79
C ASP G 51 22.69 -1.12 7.88
N MET G 52 23.98 -1.35 8.17
CA MET G 52 24.35 -2.37 9.13
C MET G 52 23.87 -1.98 10.52
N SER G 53 23.06 -2.86 11.12
CA SER G 53 22.52 -2.66 12.45
C SER G 53 22.57 -3.97 13.18
N PHE G 54 22.43 -3.91 14.48
CA PHE G 54 22.42 -5.13 15.25
C PHE G 54 21.34 -5.03 16.30
N ASN G 55 21.12 -6.15 16.97
CA ASN G 55 20.13 -6.10 18.02
C ASN G 55 20.88 -5.99 19.34
N ASP G 56 20.16 -5.98 20.50
CA ASP G 56 20.90 -5.72 21.76
C ASP G 56 21.84 -6.77 22.10
N ASP G 57 21.62 -7.87 21.61
CA ASP G 57 22.46 -9.02 21.89
C ASP G 57 23.65 -9.10 20.90
N TRP G 58 24.03 -7.99 20.28
CA TRP G 58 25.20 -7.88 19.40
C TRP G 58 25.00 -8.60 18.06
N THR G 59 23.95 -9.41 17.93
CA THR G 59 23.71 -10.08 16.67
C THR G 59 23.16 -9.10 15.66
N PHE G 60 23.63 -9.24 14.43
CA PHE G 60 23.37 -8.27 13.39
C PHE G 60 22.13 -8.65 12.58
N GLN G 61 21.65 -7.65 11.83
CA GLN G 61 20.46 -7.78 11.03
C GLN G 61 20.62 -6.93 9.77
N ARG G 62 20.04 -7.41 8.67
CA ARG G 62 19.99 -6.63 7.45
C ARG G 62 18.70 -6.95 6.71
N LEU G 63 18.07 -5.91 6.18
CA LEU G 63 16.88 -6.05 5.36
C LEU G 63 17.20 -5.62 3.93
N VAL G 64 16.77 -6.41 2.96
CA VAL G 64 16.90 -6.07 1.54
C VAL G 64 15.52 -6.11 0.91
N HIS G 65 15.18 -5.07 0.16
CA HIS G 65 13.84 -5.01 -0.42
C HIS G 65 13.89 -4.49 -1.84
N ALA G 66 12.88 -4.86 -2.63
CA ALA G 66 12.80 -4.42 -4.02
C ALA G 66 11.34 -4.41 -4.47
N ASP G 67 10.94 -3.32 -5.11
CA ASP G 67 9.62 -3.25 -5.72
C ASP G 67 9.52 -4.25 -6.87
N PHE G 68 8.33 -4.81 -7.03
CA PHE G 68 8.11 -5.81 -8.07
C PHE G 68 6.61 -6.05 -8.21
N THR G 69 6.24 -6.67 -9.33
CA THR G 69 4.86 -7.07 -9.54
C THR G 69 4.79 -8.59 -9.55
N PRO G 70 4.19 -9.21 -8.54
CA PRO G 70 4.14 -10.68 -8.52
C PRO G 70 3.50 -11.24 -9.78
N SER G 71 4.05 -12.35 -10.25
CA SER G 71 3.57 -13.02 -11.46
C SER G 71 3.47 -14.51 -11.20
N SER G 72 2.30 -15.08 -11.48
CA SER G 72 2.15 -16.52 -11.37
C SER G 72 3.02 -17.22 -12.40
N GLY G 73 3.39 -18.46 -12.10
CA GLY G 73 4.35 -19.12 -12.94
C GLY G 73 5.76 -18.59 -12.83
N SER G 74 6.03 -17.68 -11.90
CA SER G 74 7.38 -17.21 -11.65
C SER G 74 7.67 -17.27 -10.15
N THR G 75 8.79 -17.88 -9.78
CA THR G 75 9.16 -18.09 -8.39
C THR G 75 10.20 -17.04 -7.98
N TYR G 76 10.03 -16.51 -6.77
CA TYR G 76 10.89 -15.46 -6.23
C TYR G 76 11.62 -16.00 -5.01
N ALA G 77 12.88 -15.60 -4.85
CA ALA G 77 13.71 -16.18 -3.80
C ALA G 77 14.76 -15.19 -3.31
N CYS G 78 15.48 -15.61 -2.28
CA CYS G 78 16.53 -14.80 -1.67
C CYS G 78 17.74 -15.66 -1.39
N LYS G 79 18.89 -15.24 -1.90
CA LYS G 79 20.14 -16.00 -1.81
C LYS G 79 21.03 -15.36 -0.74
N VAL G 80 21.48 -16.18 0.21
CA VAL G 80 22.23 -15.70 1.38
C VAL G 80 23.57 -16.43 1.42
N GLU G 81 24.64 -15.66 1.64
CA GLU G 81 26.01 -16.16 1.75
C GLU G 81 26.65 -15.59 3.01
N HIS G 82 27.17 -16.47 3.86
CA HIS G 82 27.75 -16.04 5.14
C HIS G 82 28.86 -17.00 5.57
N GLU G 83 29.80 -16.48 6.36
CA GLU G 83 30.93 -17.28 6.85
C GLU G 83 30.49 -18.58 7.48
N THR G 84 29.47 -18.52 8.33
CA THR G 84 29.01 -19.66 9.10
C THR G 84 28.29 -20.70 8.26
N LEU G 85 28.17 -20.47 6.96
CA LEU G 85 27.48 -21.40 6.06
C LEU G 85 28.47 -22.11 5.15
N LYS G 86 28.37 -23.43 5.11
CA LYS G 86 29.14 -24.21 4.14
C LYS G 86 28.85 -23.75 2.71
N GLU G 87 27.61 -23.37 2.44
CA GLU G 87 27.09 -23.19 1.09
C GLU G 87 26.13 -22.04 1.07
N PRO G 88 25.89 -21.40 -0.08
CA PRO G 88 24.80 -20.44 -0.20
C PRO G 88 23.48 -21.12 0.15
N GLN G 89 22.56 -20.35 0.72
CA GLN G 89 21.22 -20.89 0.97
C GLN G 89 20.19 -19.99 0.32
N VAL G 90 19.19 -20.61 -0.30
CA VAL G 90 18.21 -19.87 -1.09
C VAL G 90 16.84 -20.14 -0.49
N TYR G 91 16.13 -19.07 -0.17
CA TYR G 91 14.85 -19.14 0.51
C TYR G 91 13.76 -18.69 -0.46
N LYS G 92 12.88 -19.61 -0.85
CA LYS G 92 11.74 -19.21 -1.66
C LYS G 92 10.66 -18.50 -0.89
N TRP G 93 10.07 -17.56 -1.61
CA TRP G 93 8.89 -16.83 -1.21
C TRP G 93 7.65 -17.61 -1.58
N ASP G 94 6.71 -17.66 -0.64
CA ASP G 94 5.39 -18.22 -0.86
C ASP G 94 4.44 -17.08 -1.17
N PRO G 95 3.90 -16.99 -2.39
CA PRO G 95 2.96 -15.89 -2.68
C PRO G 95 1.71 -15.94 -1.83
N GLU G 96 1.25 -17.14 -1.47
CA GLU G 96 0.03 -17.35 -0.72
C GLU G 96 -1.16 -16.58 -1.27
N ARG H 1 21.34 13.72 20.32
CA ARG H 1 22.73 14.09 20.07
C ARG H 1 23.67 12.96 20.50
N ARG H 2 24.68 12.68 19.68
CA ARG H 2 25.65 11.66 20.04
C ARG H 2 26.48 12.11 21.23
N ARG H 3 27.05 11.13 21.93
CA ARG H 3 27.88 11.39 23.09
C ARG H 3 29.35 11.14 22.77
N GLU H 4 30.21 11.68 23.62
CA GLU H 4 31.64 11.54 23.45
C GLU H 4 32.15 10.30 24.17
N GLN H 5 33.20 9.71 23.62
CA GLN H 5 33.80 8.48 24.12
C GLN H 5 35.28 8.73 24.43
N THR H 6 35.93 7.72 24.96
CA THR H 6 37.37 7.76 25.22
C THR H 6 37.99 6.48 24.70
N ASP H 7 39.33 6.46 24.68
CA ASP H 7 40.05 5.35 24.07
C ASP H 7 39.91 4.07 24.90
N TYR H 8 40.04 2.94 24.21
CA TYR H 8 39.99 1.62 24.86
C TYR H 8 41.33 1.24 25.47
N THR I 1 22.40 -14.02 28.74
CA THR I 1 22.55 -12.79 29.52
C THR I 1 21.19 -12.19 29.87
N MET I 2 20.82 -12.35 31.14
CA MET I 2 19.53 -11.93 31.66
C MET I 2 19.48 -12.20 33.16
N GLU I 3 18.88 -11.30 33.92
CA GLU I 3 18.80 -11.54 35.34
C GLU I 3 17.48 -11.03 35.91
N ALA I 4 17.00 -11.76 36.92
CA ALA I 4 15.93 -11.36 37.84
C ALA I 4 16.57 -10.64 39.01
N ARG I 5 15.86 -9.65 39.54
CA ARG I 5 16.48 -8.72 40.46
C ARG I 5 15.44 -8.11 41.37
N PHE I 6 15.92 -7.51 42.44
CA PHE I 6 15.15 -6.57 43.22
C PHE I 6 15.18 -5.21 42.52
N LEU I 7 14.03 -4.54 42.45
CA LEU I 7 14.01 -3.21 41.84
C LEU I 7 14.93 -2.25 42.58
N ASN I 8 15.02 -2.40 43.90
CA ASN I 8 15.98 -1.67 44.72
C ASN I 8 17.13 -2.54 45.20
N ARG I 9 18.33 -2.16 44.83
CA ARG I 9 19.55 -2.81 45.32
C ARG I 9 19.88 -2.35 46.77
N ASN I 10 19.01 -1.59 47.45
CA ASN I 10 19.22 -1.38 48.88
C ASN I 10 18.73 -2.59 49.63
N MET I 11 17.70 -3.21 49.06
CA MET I 11 17.21 -4.48 49.49
C MET I 11 18.16 -5.66 49.21
N LYS I 12 18.34 -6.52 50.24
CA LYS I 12 19.11 -7.76 50.24
C LYS I 12 18.28 -8.99 50.59
N HIS I 13 17.16 -8.81 51.29
CA HIS I 13 16.22 -9.87 51.68
C HIS I 13 14.81 -9.30 51.74
N PRO I 14 13.80 -10.07 51.37
CA PRO I 14 12.42 -9.63 51.65
C PRO I 14 12.18 -9.56 53.14
N GLN I 15 11.00 -9.03 53.47
CA GLN I 15 10.55 -8.78 54.83
C GLN I 15 9.11 -9.26 54.95
N GLU I 16 8.76 -9.76 56.12
CA GLU I 16 7.50 -10.45 56.29
C GLU I 16 6.32 -9.47 56.29
N GLY I 17 5.47 -9.57 55.27
CA GLY I 17 4.30 -8.73 55.17
C GLY I 17 4.45 -7.40 54.44
N GLN I 18 5.37 -7.28 53.48
CA GLN I 18 5.63 -6.01 52.78
C GLN I 18 5.77 -6.24 51.29
N PRO I 19 5.56 -5.20 50.50
CA PRO I 19 5.67 -5.36 49.04
C PRO I 19 7.12 -5.68 48.62
N LEU I 20 7.20 -6.53 47.59
CA LEU I 20 8.45 -6.93 46.99
C LEU I 20 8.40 -6.64 45.51
N GLU I 21 9.31 -5.81 45.02
CA GLU I 21 9.38 -5.50 43.60
C GLU I 21 10.58 -6.23 43.00
N LEU I 22 10.31 -7.15 42.07
CA LEU I 22 11.34 -7.78 41.27
C LEU I 22 11.23 -7.33 39.82
N GLU I 23 12.31 -7.54 39.08
CA GLU I 23 12.46 -6.98 37.75
C GLU I 23 13.31 -7.90 36.91
N CYS I 24 13.08 -7.84 35.60
CA CYS I 24 13.69 -8.76 34.66
C CYS I 24 13.80 -8.05 33.34
N MET I 25 15.02 -7.87 32.85
CA MET I 25 15.26 -7.17 31.60
C MET I 25 15.60 -8.22 30.57
N PRO I 26 14.63 -8.73 29.83
CA PRO I 26 14.96 -9.68 28.79
C PRO I 26 15.58 -8.95 27.65
N PHE I 27 16.26 -9.76 26.95
CA PHE I 27 17.09 -9.23 25.98
C PHE I 27 16.23 -8.72 24.80
N ASN I 28 15.11 -9.39 24.56
CA ASN I 28 14.15 -9.17 23.48
C ASN I 28 12.79 -9.22 24.14
N ILE I 29 12.04 -8.14 24.00
CA ILE I 29 10.76 -7.94 24.65
C ILE I 29 9.63 -7.89 23.65
N ASP I 30 9.80 -8.47 22.47
CA ASP I 30 8.68 -8.60 21.55
C ASP I 30 7.74 -9.71 21.95
N ASN I 31 8.04 -10.41 23.01
CA ASN I 31 7.15 -11.40 23.60
C ASN I 31 7.06 -11.10 25.09
N GLY I 32 5.99 -11.57 25.70
CA GLY I 32 5.88 -11.47 27.14
C GLY I 32 6.92 -12.36 27.81
N VAL I 33 6.87 -12.37 29.13
CA VAL I 33 7.72 -13.20 29.95
C VAL I 33 6.83 -13.89 30.95
N SER I 34 7.38 -14.86 31.68
CA SER I 34 6.66 -15.55 32.73
C SER I 34 7.51 -15.56 33.98
N TRP I 35 6.94 -15.17 35.10
CA TRP I 35 7.63 -15.20 36.37
C TRP I 35 7.29 -16.51 37.06
N ILE I 36 8.31 -17.18 37.59
CA ILE I 36 8.12 -18.44 38.32
C ILE I 36 8.90 -18.36 39.62
N ARG I 37 8.44 -19.11 40.62
CA ARG I 37 9.12 -19.20 41.90
C ARG I 37 9.48 -20.65 42.16
N GLN I 38 10.72 -20.88 42.55
CA GLN I 38 11.22 -22.19 42.92
C GLN I 38 11.33 -22.31 44.44
N ASP I 39 10.76 -23.39 45.00
CA ASP I 39 10.93 -23.68 46.40
C ASP I 39 12.40 -23.94 46.71
N LYS I 40 12.72 -24.01 48.00
CA LYS I 40 13.98 -24.65 48.36
C LYS I 40 13.96 -26.13 48.00
N ASP I 41 12.79 -26.77 48.02
CA ASP I 41 12.71 -28.16 47.57
C ASP I 41 13.24 -28.32 46.16
N GLY I 42 13.08 -27.30 45.32
CA GLY I 42 13.28 -27.42 43.89
C GLY I 42 12.00 -27.33 43.10
N LYS I 43 10.84 -27.26 43.77
CA LYS I 43 9.57 -27.15 43.07
C LYS I 43 9.37 -25.80 42.42
N LEU I 44 8.85 -25.82 41.21
CA LEU I 44 8.59 -24.62 40.42
C LEU I 44 7.10 -24.32 40.39
N HIS I 45 6.76 -23.04 40.54
CA HIS I 45 5.37 -22.58 40.53
C HIS I 45 5.25 -21.43 39.53
N PHE I 46 4.25 -21.53 38.65
CA PHE I 46 3.95 -20.42 37.76
C PHE I 46 3.08 -19.39 38.46
N ILE I 47 3.46 -18.12 38.34
CA ILE I 47 2.74 -17.03 39.00
C ILE I 47 2.03 -16.13 37.99
N VAL I 48 2.72 -15.68 36.94
CA VAL I 48 2.12 -14.73 36.00
C VAL I 48 2.94 -14.71 34.71
N TYR I 49 2.25 -14.46 33.60
CA TYR I 49 2.85 -14.15 32.31
C TYR I 49 2.47 -12.72 31.93
N ILE I 50 3.43 -11.93 31.47
CA ILE I 50 3.17 -10.55 31.09
C ILE I 50 3.39 -10.41 29.60
N SER I 51 2.33 -9.99 28.89
CA SER I 51 2.35 -9.87 27.45
C SER I 51 3.09 -8.60 27.03
N PRO I 52 3.50 -8.52 25.76
CA PRO I 52 4.14 -7.29 25.26
C PRO I 52 3.23 -6.09 25.26
N LEU I 53 1.93 -6.28 25.41
CA LEU I 53 0.99 -5.18 25.59
C LEU I 53 0.75 -4.91 27.05
N SER I 54 1.68 -5.35 27.90
CA SER I 54 1.61 -5.15 29.35
C SER I 54 0.29 -5.64 29.93
N ARG I 55 -0.03 -6.87 29.54
CA ARG I 55 -1.11 -7.72 30.03
C ARG I 55 -0.63 -8.92 30.84
N THR I 56 -1.29 -9.16 31.96
CA THR I 56 -0.83 -10.15 32.92
C THR I 56 -1.69 -11.42 32.87
N ALA I 57 -1.10 -12.53 33.31
CA ALA I 57 -1.73 -13.85 33.27
C ALA I 57 -1.41 -14.59 34.56
N PHE I 58 -2.40 -14.74 35.43
CA PHE I 58 -2.32 -15.48 36.69
C PHE I 58 -3.00 -16.84 36.55
N PRO I 59 -2.84 -17.74 37.57
CA PRO I 59 -3.47 -19.07 37.49
C PRO I 59 -4.95 -19.04 37.15
N ARG I 60 -5.49 -20.16 36.66
CA ARG I 60 -6.85 -20.27 36.07
C ARG I 60 -6.90 -19.21 34.96
N ASN I 61 -7.91 -18.32 34.83
CA ASN I 61 -7.58 -17.35 33.83
C ASN I 61 -7.61 -16.01 34.60
N GLU I 62 -7.57 -14.86 33.92
CA GLU I 62 -6.62 -13.80 34.29
C GLU I 62 -7.04 -12.38 34.71
N ARG I 63 -5.98 -11.65 35.06
CA ARG I 63 -5.81 -10.23 35.50
C ARG I 63 -6.23 -10.08 36.95
N THR I 64 -6.86 -11.11 37.48
CA THR I 64 -7.38 -11.04 38.83
C THR I 64 -6.39 -11.68 39.77
N SER I 65 -5.83 -10.87 40.65
CA SER I 65 -4.90 -11.36 41.64
C SER I 65 -5.08 -10.54 42.89
N SER I 66 -5.50 -11.19 43.94
CA SER I 66 -5.42 -10.55 45.22
C SER I 66 -4.04 -10.79 45.87
N GLN I 67 -3.06 -11.36 45.14
CA GLN I 67 -1.74 -11.67 45.71
C GLN I 67 -0.53 -11.18 44.89
N PHE I 68 -0.71 -10.83 43.60
CA PHE I 68 0.38 -10.48 42.69
C PHE I 68 0.03 -9.32 41.74
N GLU I 69 1.13 -8.71 41.29
CA GLU I 69 1.18 -7.54 40.41
C GLU I 69 2.12 -7.89 39.28
N GLY I 70 1.67 -7.77 38.05
CA GLY I 70 2.52 -7.94 36.89
C GLY I 70 2.47 -6.71 36.02
N SER I 71 3.59 -6.38 35.36
CA SER I 71 3.55 -5.21 34.46
C SER I 71 4.83 -5.13 33.64
N LYS I 72 4.74 -4.40 32.54
CA LYS I 72 5.88 -4.05 31.69
C LYS I 72 6.14 -2.57 31.85
N GLN I 73 7.36 -2.26 32.23
CA GLN I 73 7.86 -0.94 32.55
C GLN I 73 9.06 -0.73 31.67
N GLY I 74 9.00 0.29 30.82
CA GLY I 74 9.94 0.42 29.72
C GLY I 74 10.15 -0.88 28.95
N SER I 75 11.41 -1.27 28.75
CA SER I 75 11.78 -2.54 28.13
C SER I 75 12.21 -3.56 29.19
N SER I 76 11.46 -3.61 30.29
CA SER I 76 11.74 -4.50 31.38
C SER I 76 10.40 -4.93 31.97
N PHE I 77 10.41 -6.02 32.71
CA PHE I 77 9.20 -6.51 33.34
C PHE I 77 9.33 -6.47 34.85
N ARG I 78 8.20 -6.23 35.50
CA ARG I 78 8.13 -6.02 36.94
C ARG I 78 7.10 -6.99 37.49
N LEU I 79 7.49 -7.69 38.53
CA LEU I 79 6.60 -8.46 39.35
C LEU I 79 6.69 -7.94 40.76
N VAL I 80 5.57 -7.73 41.39
CA VAL I 80 5.59 -7.26 42.75
C VAL I 80 4.73 -8.22 43.56
N VAL I 81 5.29 -8.69 44.67
CA VAL I 81 4.53 -9.44 45.66
C VAL I 81 3.89 -8.46 46.64
N LYS I 82 2.54 -8.45 46.63
CA LYS I 82 1.74 -7.38 47.21
C LYS I 82 2.12 -7.16 48.63
N ASN I 83 2.45 -8.23 49.34
CA ASN I 83 2.75 -8.15 50.75
C ASN I 83 3.41 -9.48 51.06
N PHE I 84 4.73 -9.47 51.17
CA PHE I 84 5.54 -10.68 51.18
C PHE I 84 5.52 -11.38 52.52
N ARG I 85 5.19 -12.67 52.51
CA ARG I 85 5.26 -13.53 53.68
C ARG I 85 6.01 -14.82 53.40
N ALA I 86 5.99 -15.68 54.41
CA ALA I 86 6.75 -16.92 54.36
C ALA I 86 6.34 -17.80 53.16
N GLN I 87 5.05 -17.83 52.74
CA GLN I 87 4.81 -18.66 51.53
C GLN I 87 5.54 -18.11 50.30
N ASP I 88 5.91 -16.82 50.28
CA ASP I 88 6.45 -16.31 49.02
C ASP I 88 7.96 -16.45 48.93
N GLN I 89 8.57 -17.07 49.94
CA GLN I 89 10.00 -17.29 49.91
C GLN I 89 10.37 -18.29 48.83
N GLY I 90 11.52 -18.06 48.21
CA GLY I 90 11.99 -18.93 47.15
C GLY I 90 12.91 -18.17 46.23
N THR I 91 13.30 -18.84 45.15
CA THR I 91 14.14 -18.24 44.13
C THR I 91 13.26 -17.86 42.95
N TYR I 92 13.29 -16.60 42.58
CA TYR I 92 12.40 -16.08 41.54
C TYR I 92 13.14 -16.03 40.22
N PHE I 93 12.55 -16.67 39.21
CA PHE I 93 13.09 -16.71 37.87
C PHE I 93 12.13 -16.00 36.93
N CYS I 94 12.67 -15.52 35.83
CA CYS I 94 11.89 -14.95 34.74
C CYS I 94 12.22 -15.67 33.45
N ILE I 95 11.22 -15.89 32.62
CA ILE I 95 11.30 -16.79 31.48
C ILE I 95 10.79 -16.08 30.23
N ALA I 96 11.63 -16.04 29.20
CA ALA I 96 11.22 -15.45 27.94
C ALA I 96 11.00 -16.57 26.94
N ASN I 97 9.80 -16.59 26.36
CA ASN I 97 9.44 -17.57 25.35
C ASN I 97 9.68 -16.84 24.03
N ILE I 98 10.89 -17.02 23.51
CA ILE I 98 11.38 -16.36 22.31
C ILE I 98 11.79 -17.46 21.34
N ASN I 99 11.17 -17.46 20.14
CA ASN I 99 11.46 -18.38 19.03
C ASN I 99 11.06 -19.81 19.37
N GLN I 100 9.97 -19.97 20.13
CA GLN I 100 9.60 -21.24 20.75
C GLN I 100 10.68 -21.76 21.67
N MET I 101 11.74 -21.01 21.90
CA MET I 101 12.75 -21.49 22.83
C MET I 101 12.63 -20.71 24.11
N LEU I 102 13.06 -21.34 25.19
CA LEU I 102 12.95 -20.77 26.52
C LEU I 102 14.29 -20.18 26.92
N TYR I 103 14.24 -18.97 27.48
CA TYR I 103 15.41 -18.32 28.03
C TYR I 103 15.09 -18.03 29.49
N PHE I 104 16.03 -18.32 30.37
CA PHE I 104 15.83 -18.20 31.80
C PHE I 104 16.79 -17.15 32.33
N SER I 105 16.27 -16.21 33.09
CA SER I 105 17.14 -15.24 33.74
C SER I 105 17.85 -15.88 34.91
N SER I 106 18.83 -15.17 35.46
CA SER I 106 19.47 -15.63 36.68
C SER I 106 18.44 -15.60 37.81
N GLY I 107 18.59 -16.52 38.75
CA GLY I 107 17.63 -16.62 39.84
C GLY I 107 17.89 -15.55 40.89
N GLN I 108 16.80 -15.03 41.47
CA GLN I 108 16.95 -14.06 42.53
C GLN I 108 16.44 -14.67 43.83
N PRO I 109 17.30 -14.92 44.81
CA PRO I 109 16.82 -15.45 46.09
C PRO I 109 15.98 -14.42 46.82
N ALA I 110 14.90 -14.90 47.45
CA ALA I 110 13.99 -14.05 48.22
C ALA I 110 13.61 -14.87 49.45
N PHE I 111 14.40 -14.71 50.50
CA PHE I 111 14.14 -15.38 51.78
C PHE I 111 14.37 -14.39 52.90
N PHE I 112 13.64 -14.59 53.99
CA PHE I 112 13.73 -13.67 55.13
C PHE I 112 15.13 -13.61 55.68
N THR J 1 -0.22 -35.92 37.83
CA THR J 1 0.14 -34.88 36.89
C THR J 1 1.34 -35.29 36.03
N MET J 2 2.30 -34.37 35.90
CA MET J 2 3.47 -34.57 35.05
C MET J 2 4.67 -35.04 35.87
N GLU J 3 5.44 -35.99 35.32
CA GLU J 3 6.65 -36.41 35.99
C GLU J 3 7.76 -36.75 34.98
N ALA J 4 8.99 -36.34 35.32
CA ALA J 4 10.19 -36.66 34.58
C ALA J 4 10.88 -37.89 35.16
N ARG J 5 11.53 -38.63 34.27
CA ARG J 5 12.04 -39.97 34.54
C ARG J 5 13.21 -40.32 33.62
N PHE J 6 14.01 -41.30 34.04
CA PHE J 6 14.84 -42.12 33.17
C PHE J 6 14.00 -43.10 32.41
N LEU J 7 14.24 -43.27 31.12
CA LEU J 7 13.40 -44.25 30.44
C LEU J 7 13.56 -45.62 31.10
N ASN J 8 14.75 -45.88 31.66
CA ASN J 8 15.05 -47.07 32.47
C ASN J 8 14.76 -46.86 33.94
N ARG J 9 13.79 -47.63 34.47
CA ARG J 9 13.49 -47.42 35.88
C ARG J 9 14.37 -48.23 36.81
N ASN J 10 15.24 -49.06 36.28
CA ASN J 10 16.28 -49.65 37.11
C ASN J 10 17.48 -48.74 37.17
N MET J 11 17.69 -47.92 36.14
CA MET J 11 18.84 -47.02 36.14
C MET J 11 18.81 -46.05 37.31
N LYS J 12 19.95 -45.89 37.99
CA LYS J 12 20.04 -45.05 39.16
C LYS J 12 21.02 -43.89 39.03
N HIS J 13 21.94 -43.93 38.07
CA HIS J 13 22.83 -42.82 37.75
C HIS J 13 23.14 -42.90 36.26
N PRO J 14 23.27 -41.75 35.59
CA PRO J 14 23.83 -41.78 34.23
C PRO J 14 25.27 -42.28 34.26
N GLN J 15 25.81 -42.53 33.07
CA GLN J 15 27.18 -43.01 32.95
C GLN J 15 27.85 -42.24 31.83
N GLU J 16 29.08 -41.78 32.08
CA GLU J 16 29.71 -40.84 31.17
C GLU J 16 30.09 -41.53 29.88
N GLY J 17 29.70 -40.92 28.78
CA GLY J 17 29.94 -41.44 27.48
C GLY J 17 28.87 -42.40 26.99
N GLN J 18 27.89 -42.77 27.83
CA GLN J 18 26.82 -43.55 27.23
C GLN J 18 25.66 -42.58 27.01
N PRO J 19 24.74 -42.90 26.10
CA PRO J 19 23.51 -42.11 25.97
C PRO J 19 22.64 -42.20 27.22
N LEU J 20 21.92 -41.12 27.47
CA LEU J 20 20.96 -41.09 28.57
C LEU J 20 19.63 -40.68 27.98
N GLU J 21 18.65 -41.55 28.11
CA GLU J 21 17.33 -41.24 27.62
C GLU J 21 16.41 -41.08 28.83
N LEU J 22 15.78 -39.89 28.97
CA LEU J 22 14.77 -39.50 29.96
C LEU J 22 13.40 -39.41 29.32
N GLU J 23 12.38 -39.18 30.15
CA GLU J 23 11.05 -39.51 29.73
C GLU J 23 10.15 -38.59 30.55
N CYS J 24 8.96 -38.35 30.03
CA CYS J 24 8.13 -37.29 30.56
C CYS J 24 6.70 -37.74 30.37
N MET J 25 6.01 -37.89 31.48
CA MET J 25 4.64 -38.35 31.50
C MET J 25 3.74 -37.16 31.80
N PRO J 26 3.14 -36.54 30.80
CA PRO J 26 2.23 -35.42 31.02
C PRO J 26 0.86 -35.89 31.52
N PHE J 27 0.17 -34.97 32.20
CA PHE J 27 -1.23 -35.20 32.51
C PHE J 27 -2.09 -35.16 31.25
N ASN J 28 -1.64 -34.43 30.23
CA ASN J 28 -2.35 -34.31 28.95
C ASN J 28 -1.34 -34.47 27.82
N ILE J 29 -1.63 -35.37 26.89
CA ILE J 29 -0.72 -35.63 25.79
C ILE J 29 -1.29 -35.09 24.47
N ASP J 30 -2.28 -34.21 24.55
CA ASP J 30 -2.65 -33.38 23.41
C ASP J 30 -1.79 -32.13 23.33
N ASN J 31 -0.84 -31.95 24.24
CA ASN J 31 0.08 -30.82 24.24
C ASN J 31 1.51 -31.33 24.31
N GLY J 32 2.41 -30.56 23.70
CA GLY J 32 3.83 -30.84 23.79
C GLY J 32 4.39 -30.52 25.16
N VAL J 33 5.70 -30.74 25.29
CA VAL J 33 6.43 -30.43 26.50
C VAL J 33 7.74 -29.75 26.12
N SER J 34 8.43 -29.22 27.14
CA SER J 34 9.76 -28.66 26.97
C SER J 34 10.68 -29.25 28.02
N TRP J 35 11.86 -29.70 27.59
CA TRP J 35 12.86 -30.25 28.49
C TRP J 35 13.84 -29.14 28.89
N ILE J 36 14.10 -29.03 30.20
CA ILE J 36 15.06 -28.07 30.74
C ILE J 36 15.96 -28.77 31.76
N ARG J 37 17.18 -28.25 31.94
CA ARG J 37 18.16 -28.77 32.89
C ARG J 37 18.63 -27.69 33.86
N GLN J 38 18.70 -28.02 35.16
CA GLN J 38 19.25 -27.15 36.21
C GLN J 38 20.63 -27.61 36.66
N ASP J 39 21.59 -26.67 36.64
CA ASP J 39 22.99 -26.76 37.08
C ASP J 39 23.18 -26.97 38.58
N LYS J 40 24.46 -27.09 38.97
CA LYS J 40 24.88 -26.88 40.36
C LYS J 40 24.55 -25.46 40.82
N ASP J 41 24.77 -24.48 39.97
CA ASP J 41 24.45 -23.11 40.34
C ASP J 41 22.99 -22.95 40.63
N GLY J 42 22.14 -23.71 39.94
CA GLY J 42 20.72 -23.46 39.92
C GLY J 42 20.28 -22.86 38.61
N LYS J 43 21.23 -22.60 37.72
CA LYS J 43 20.93 -22.03 36.41
C LYS J 43 20.18 -23.04 35.57
N LEU J 44 19.16 -22.55 34.86
CA LEU J 44 18.31 -23.38 34.03
C LEU J 44 18.66 -23.21 32.56
N HIS J 45 18.64 -24.32 31.83
CA HIS J 45 18.95 -24.34 30.41
C HIS J 45 17.82 -25.02 29.65
N PHE J 46 17.38 -24.39 28.57
CA PHE J 46 16.40 -24.99 27.68
C PHE J 46 17.10 -25.97 26.75
N ILE J 47 16.53 -27.15 26.59
CA ILE J 47 17.14 -28.23 25.82
C ILE J 47 16.41 -28.45 24.50
N VAL J 48 15.09 -28.72 24.56
CA VAL J 48 14.33 -29.03 23.36
C VAL J 48 12.84 -28.91 23.67
N TYR J 49 12.06 -28.50 22.68
CA TYR J 49 10.60 -28.53 22.78
C TYR J 49 10.08 -29.60 21.84
N ILE J 50 9.17 -30.43 22.34
CA ILE J 50 8.59 -31.51 21.55
C ILE J 50 7.10 -31.27 21.42
N SER J 51 6.64 -31.13 20.19
CA SER J 51 5.23 -30.89 19.90
C SER J 51 4.44 -32.19 20.02
N PRO J 52 3.12 -32.10 20.13
CA PRO J 52 2.31 -33.33 20.13
C PRO J 52 2.45 -34.14 18.85
N LEU J 53 3.03 -33.59 17.78
CA LEU J 53 3.27 -34.29 16.52
C LEU J 53 4.70 -34.84 16.34
N SER J 54 5.48 -35.02 17.43
CA SER J 54 6.94 -35.29 17.41
C SER J 54 7.69 -34.39 16.43
N ARG J 55 7.42 -33.09 16.48
CA ARG J 55 8.29 -32.18 15.76
C ARG J 55 9.04 -31.35 16.80
N THR J 56 10.35 -31.28 16.65
CA THR J 56 11.23 -30.79 17.70
C THR J 56 11.72 -29.39 17.39
N ALA J 57 12.07 -28.69 18.47
CA ALA J 57 12.56 -27.32 18.39
C ALA J 57 13.75 -27.21 19.34
N PHE J 58 14.95 -27.13 18.78
CA PHE J 58 16.21 -26.96 19.51
C PHE J 58 16.65 -25.52 19.44
N PRO J 59 17.64 -25.12 20.27
CA PRO J 59 18.11 -23.72 20.26
C PRO J 59 18.43 -23.27 18.84
N ARG J 60 18.10 -21.99 18.67
CA ARG J 60 18.18 -21.21 17.42
C ARG J 60 17.21 -21.77 16.38
N ASN J 61 15.93 -21.93 16.74
CA ASN J 61 14.94 -22.25 15.74
C ASN J 61 15.26 -23.53 14.96
N GLU J 62 15.82 -24.56 15.62
CA GLU J 62 16.35 -25.74 14.96
C GLU J 62 15.45 -26.91 15.28
N ARG J 63 15.39 -27.87 14.38
CA ARG J 63 14.75 -29.15 14.65
C ARG J 63 15.77 -30.28 14.66
N THR J 64 17.03 -29.95 14.49
CA THR J 64 18.17 -30.86 14.52
C THR J 64 19.35 -30.48 15.39
N SER J 65 19.76 -31.43 16.25
CA SER J 65 20.84 -31.29 17.21
C SER J 65 21.72 -32.53 17.18
N SER J 66 23.04 -32.32 17.15
CA SER J 66 24.05 -33.37 17.30
C SER J 66 24.28 -33.80 18.74
N GLN J 67 23.54 -33.25 19.70
CA GLN J 67 23.79 -33.54 21.10
C GLN J 67 22.57 -34.09 21.81
N PHE J 68 21.38 -33.86 21.28
CA PHE J 68 20.18 -34.46 21.84
C PHE J 68 19.25 -34.76 20.68
N GLU J 69 18.38 -35.72 20.89
CA GLU J 69 17.06 -35.55 20.29
C GLU J 69 15.90 -35.99 21.16
N GLY J 70 14.79 -35.30 20.92
CA GLY J 70 13.55 -35.45 21.61
C GLY J 70 12.52 -35.95 20.65
N SER J 71 11.50 -36.60 21.20
CA SER J 71 10.53 -37.25 20.35
C SER J 71 9.38 -37.63 21.24
N LYS J 72 8.28 -37.97 20.62
CA LYS J 72 7.06 -38.45 21.28
C LYS J 72 6.84 -39.92 20.91
N GLN J 73 6.82 -40.81 21.90
CA GLN J 73 6.53 -42.22 21.60
C GLN J 73 5.48 -42.67 22.60
N GLY J 74 4.49 -43.42 22.14
CA GLY J 74 3.34 -43.83 22.96
C GLY J 74 2.60 -42.74 23.75
N SER J 75 2.43 -42.95 25.05
CA SER J 75 1.83 -41.94 25.91
C SER J 75 2.89 -41.18 26.68
N SER J 76 4.01 -40.86 26.03
CA SER J 76 5.08 -40.17 26.73
C SER J 76 5.92 -39.36 25.76
N PHE J 77 6.75 -38.48 26.34
CA PHE J 77 7.76 -37.75 25.60
C PHE J 77 9.13 -38.21 26.07
N ARG J 78 10.10 -38.23 25.16
CA ARG J 78 11.42 -38.77 25.43
C ARG J 78 12.46 -37.75 25.02
N LEU J 79 13.48 -37.62 25.86
CA LEU J 79 14.67 -36.84 25.58
C LEU J 79 15.88 -37.76 25.61
N VAL J 80 16.79 -37.62 24.66
CA VAL J 80 18.01 -38.42 24.65
C VAL J 80 19.21 -37.48 24.55
N VAL J 81 20.09 -37.55 25.55
CA VAL J 81 21.43 -37.00 25.51
C VAL J 81 22.31 -38.07 24.87
N LYS J 82 22.72 -37.84 23.63
CA LYS J 82 23.40 -38.87 22.85
C LYS J 82 24.68 -39.36 23.51
N ASN J 83 25.43 -38.46 24.16
CA ASN J 83 26.69 -38.79 24.80
C ASN J 83 26.76 -37.91 26.04
N PHE J 84 26.41 -38.48 27.17
CA PHE J 84 26.23 -37.68 28.38
C PHE J 84 27.60 -37.32 28.97
N ARG J 85 27.92 -36.03 29.14
CA ARG J 85 29.20 -35.78 29.83
C ARG J 85 28.93 -35.05 31.14
N ALA J 86 30.03 -34.61 31.74
CA ALA J 86 29.99 -33.83 32.97
C ALA J 86 29.20 -32.54 32.80
N GLN J 87 29.32 -31.91 31.63
CA GLN J 87 28.53 -30.72 31.31
C GLN J 87 27.04 -31.01 31.30
N ASP J 88 26.64 -32.26 31.08
CA ASP J 88 25.23 -32.59 30.98
C ASP J 88 24.62 -32.97 32.32
N GLN J 89 25.39 -32.92 33.40
CA GLN J 89 24.86 -33.22 34.72
C GLN J 89 23.89 -32.14 35.15
N GLY J 90 22.86 -32.55 35.88
CA GLY J 90 21.88 -31.60 36.36
C GLY J 90 20.55 -32.29 36.59
N THR J 91 19.56 -31.50 36.96
CA THR J 91 18.21 -32.00 37.19
C THR J 91 17.35 -31.67 35.99
N TYR J 92 16.75 -32.69 35.39
CA TYR J 92 15.99 -32.53 34.15
C TYR J 92 14.50 -32.42 34.45
N PHE J 93 13.90 -31.31 34.04
CA PHE J 93 12.49 -31.02 34.26
C PHE J 93 11.77 -30.98 32.91
N CYS J 94 10.46 -31.09 33.03
CA CYS J 94 9.56 -30.94 31.91
C CYS J 94 8.57 -29.82 32.20
N ILE J 95 8.22 -29.07 31.16
CA ILE J 95 7.42 -27.86 31.31
C ILE J 95 6.32 -27.92 30.26
N ALA J 96 5.08 -27.85 30.70
CA ALA J 96 3.95 -27.80 29.79
C ALA J 96 3.32 -26.41 29.89
N ASN J 97 3.29 -25.72 28.78
CA ASN J 97 2.67 -24.40 28.70
C ASN J 97 1.32 -24.58 28.01
N ILE J 98 0.26 -24.63 28.81
CA ILE J 98 -1.09 -24.87 28.32
C ILE J 98 -1.89 -23.61 28.63
N ASN J 99 -2.36 -22.93 27.58
CA ASN J 99 -3.20 -21.74 27.69
C ASN J 99 -2.44 -20.66 28.46
N GLN J 100 -1.16 -20.51 28.14
CA GLN J 100 -0.22 -19.59 28.78
C GLN J 100 0.06 -19.89 30.25
N MET J 101 -0.43 -21.01 30.78
CA MET J 101 -0.09 -21.38 32.15
C MET J 101 0.99 -22.46 32.12
N LEU J 102 1.89 -22.42 33.11
CA LEU J 102 3.02 -23.33 33.15
C LEU J 102 2.79 -24.41 34.19
N TYR J 103 3.09 -25.66 33.81
CA TYR J 103 3.05 -26.82 34.69
C TYR J 103 4.41 -27.50 34.66
N PHE J 104 4.92 -27.89 35.83
CA PHE J 104 6.28 -28.41 35.95
C PHE J 104 6.27 -29.85 36.44
N SER J 105 7.05 -30.70 35.77
CA SER J 105 7.25 -32.08 36.19
C SER J 105 8.11 -32.15 37.45
N SER J 106 8.27 -33.38 37.97
CA SER J 106 9.08 -33.61 39.16
C SER J 106 10.54 -33.25 38.93
N GLY J 107 11.10 -33.70 37.82
CA GLY J 107 12.51 -33.51 37.58
C GLY J 107 13.27 -34.75 38.01
N GLN J 108 14.26 -35.13 37.21
CA GLN J 108 15.08 -36.30 37.45
C GLN J 108 16.53 -35.88 37.65
N PRO J 109 17.13 -36.13 38.81
CA PRO J 109 18.56 -35.86 38.95
C PRO J 109 19.37 -36.78 38.05
N ALA J 110 20.41 -36.21 37.45
CA ALA J 110 21.29 -36.93 36.53
C ALA J 110 22.70 -36.45 36.84
N PHE J 111 23.35 -37.16 37.76
CA PHE J 111 24.73 -36.91 38.15
C PHE J 111 25.45 -38.24 38.22
N PHE J 112 26.74 -38.20 37.97
CA PHE J 112 27.55 -39.41 38.01
C PHE J 112 27.56 -40.04 39.40
#